data_3EZ5
#
_entry.id   3EZ5
#
_cell.length_a   92.551
_cell.length_b   108.572
_cell.length_c   149.756
_cell.angle_alpha   90.000
_cell.angle_beta   90.000
_cell.angle_gamma   90.000
#
_symmetry.space_group_name_H-M   'P 21 21 21'
#
loop_
_entity.id
_entity.type
_entity.pdbx_description
1 polymer 'DNA polymerase I'
2 polymer "5'-D(*DCP*DCP*DTP*DGP*DAP*DCP*DTP*DCP*DG)-3'"
3 polymer "5'-D(*DAP*DTP*DTP*DCP*DGP*DAP*DGP*DTP*DCP*DAP*DGP*DG)-3'"
4 branched beta-D-fructofuranose-(2-1)-alpha-D-glucopyranose
5 non-polymer 'SULFATE ION'
6 non-polymer 'ZINC ION'
7 non-polymer "2',3'-DIDEOXYADENOSINE-5'-TRIPHOSPHATE"
8 water water
#
loop_
_entity_poly.entity_id
_entity_poly.type
_entity_poly.pdbx_seq_one_letter_code
_entity_poly.pdbx_strand_id
1 'polypeptide(L)'
;KKMAFTLADRVTEEMLADKAALVVEVVEENYHDAPIVGIAVVNEHGRFFLRPETALADPQFVAWLGDETKKKSMFDSKRA
AVALKWKGIELCGVSFDLLLAAYLLDPAQGVDDVAAAAKMKQYEAVRPDEAVYGKGAKRAVPDEPVLAEHLVRKAAAIWE
LERPFLDELRRNEQDRLLVELEQPLSSILAEMEFAGVKVDTKRLEQMGKELAEQLGTVEQRIYELAGQEFNINSPKQLGV
ILFEKLQLPVLKKTKTGYSTSADVLEKLAPYHEIVENILHYRQLGKLQSTYIEGLLKVVRPATKKVHTIFNQALTQTGRL
SSTEPNLQNIPIRLEEGRKIRQAFVPSESDWLIFAADYSQIELRVLAHIAEDDNLMEAFRRDLDIHTKTAMDIFQVSEDE
VTPNMRRQAKAVNYGIVYGISDYGLAQNLNISRKEAAEFIERYFESFPGVKRYMENIVQEAKQKGYVTTLLHRRRYLPDI
TSRNFNVRSFAERMAMNTPIQGSAADIIKKAMIDLNARLKEERLQAHLLLQVHDELILEAPKEEMERLCRLVPEVMEQAV
TLRVPLKVDYHYGSTWYDAK
;
A,D
2 'polydeoxyribonucleotide' (DC)(DC)(DT)(DG)(DA)(DC)(DT)(DC)(DG) B,E
3 'polydeoxyribonucleotide' (DA)(DT)(DT)(DC)(DG)(DA)(DG)(DT)(DC)(DA)(DG)(DG) C,F
#
loop_
_chem_comp.id
_chem_comp.type
_chem_comp.name
_chem_comp.formula
DA DNA linking 2'-DEOXYADENOSINE-5'-MONOPHOSPHATE 'C10 H14 N5 O6 P'
DAD non-polymer 2',3'-DIDEOXYADENOSINE-5'-TRIPHOSPHATE 'C10 H16 N5 O11 P3'
DC DNA linking 2'-DEOXYCYTIDINE-5'-MONOPHOSPHATE 'C9 H14 N3 O7 P'
DG DNA linking 2'-DEOXYGUANOSINE-5'-MONOPHOSPHATE 'C10 H14 N5 O7 P'
DT DNA linking THYMIDINE-5'-MONOPHOSPHATE 'C10 H15 N2 O8 P'
FRU D-saccharide, beta linking beta-D-fructofuranose 'C6 H12 O6'
GLC D-saccharide, alpha linking alpha-D-glucopyranose 'C6 H12 O6'
SO4 non-polymer 'SULFATE ION' 'O4 S -2'
ZN non-polymer 'ZINC ION' 'Zn 2'
#
# COMPACT_ATOMS: atom_id res chain seq x y z
N LYS A 1 -2.18 24.90 14.38
CA LYS A 1 -1.70 26.11 13.66
C LYS A 1 -1.43 27.30 14.62
N LYS A 2 -0.45 27.11 15.52
CA LYS A 2 0.06 28.20 16.40
C LYS A 2 1.49 27.91 16.89
N MET A 3 2.49 28.24 16.06
CA MET A 3 3.86 27.74 16.31
C MET A 3 4.85 28.79 16.82
N ALA A 4 5.39 28.53 18.00
CA ALA A 4 6.37 29.42 18.63
C ALA A 4 7.76 29.19 18.04
N PHE A 5 8.42 30.29 17.68
CA PHE A 5 9.76 30.25 17.09
C PHE A 5 10.48 31.59 17.29
N THR A 6 11.80 31.55 17.29
CA THR A 6 12.61 32.75 17.50
C THR A 6 13.04 33.39 16.19
N LEU A 7 12.58 34.61 15.93
CA LEU A 7 13.06 35.36 14.80
C LEU A 7 14.38 36.00 15.20
N ALA A 8 15.44 35.22 15.10
CA ALA A 8 16.75 35.64 15.57
C ALA A 8 17.39 36.63 14.61
N ASP A 9 18.39 37.36 15.09
CA ASP A 9 19.22 38.16 14.20
C ASP A 9 20.70 38.00 14.50
N ARG A 10 21.03 36.99 15.32
CA ARG A 10 22.40 36.56 15.55
C ARG A 10 22.45 35.07 15.86
N VAL A 11 23.45 34.38 15.32
CA VAL A 11 23.61 32.95 15.60
C VAL A 11 23.98 32.70 17.05
N THR A 12 23.28 31.76 17.68
CA THR A 12 23.58 31.41 19.06
C THR A 12 24.09 29.97 19.17
N GLU A 13 24.66 29.65 20.33
CA GLU A 13 25.17 28.30 20.55
C GLU A 13 24.07 27.25 20.51
N GLU A 14 22.87 27.61 20.97
CA GLU A 14 21.79 26.62 20.99
C GLU A 14 21.19 26.38 19.60
N MET A 15 21.68 27.10 18.61
CA MET A 15 21.26 26.85 17.24
C MET A 15 22.15 25.80 16.59
N LEU A 16 23.21 25.43 17.29
CA LEU A 16 24.22 24.56 16.70
C LEU A 16 24.30 23.17 17.36
N ALA A 17 23.16 22.64 17.79
CA ALA A 17 23.09 21.27 18.33
C ALA A 17 23.56 20.23 17.31
N ASP A 18 23.90 19.05 17.78
CA ASP A 18 24.41 18.05 16.86
C ASP A 18 23.34 17.23 16.15
N LYS A 19 22.09 17.66 16.25
CA LYS A 19 21.00 16.99 15.55
C LYS A 19 19.91 18.02 15.32
N ALA A 20 19.54 18.24 14.05
CA ALA A 20 18.60 19.28 13.77
C ALA A 20 17.91 19.10 12.43
N ALA A 21 16.72 19.65 12.30
CA ALA A 21 16.09 19.85 10.98
C ALA A 21 16.52 21.21 10.44
N LEU A 22 16.93 21.24 9.18
CA LEU A 22 17.46 22.45 8.57
C LEU A 22 16.79 22.78 7.24
N VAL A 23 16.37 24.04 7.10
CA VAL A 23 15.76 24.56 5.87
C VAL A 23 16.59 25.75 5.33
N VAL A 24 17.17 25.56 4.15
CA VAL A 24 17.88 26.64 3.48
C VAL A 24 17.11 26.91 2.20
N GLU A 25 16.27 27.95 2.21
CA GLU A 25 15.23 28.13 1.20
C GLU A 25 15.73 28.79 -0.08
N VAL A 26 15.57 28.07 -1.18
CA VAL A 26 15.81 28.60 -2.51
C VAL A 26 14.50 28.54 -3.29
N VAL A 27 13.96 29.69 -3.62
CA VAL A 27 12.64 29.76 -4.23
C VAL A 27 12.72 29.58 -5.74
N GLU A 28 13.88 29.86 -6.33
CA GLU A 28 14.03 29.68 -7.77
C GLU A 28 14.10 28.20 -8.12
N GLU A 29 13.26 27.78 -9.06
CA GLU A 29 13.28 26.37 -9.49
C GLU A 29 14.68 25.88 -9.86
N ASN A 30 15.38 26.63 -10.70
CA ASN A 30 16.75 26.30 -11.02
C ASN A 30 17.61 26.90 -9.93
N TYR A 31 18.23 26.04 -9.13
CA TYR A 31 18.91 26.52 -7.94
C TYR A 31 20.35 26.93 -8.17
N HIS A 32 20.82 26.77 -9.40
CA HIS A 32 22.19 27.13 -9.70
C HIS A 32 22.41 28.63 -9.55
N ASP A 33 23.35 28.99 -8.68
CA ASP A 33 23.65 30.41 -8.43
C ASP A 33 22.40 31.18 -8.02
N ALA A 34 21.49 30.53 -7.29
CA ALA A 34 20.23 31.16 -6.95
C ALA A 34 20.32 31.78 -5.55
N PRO A 35 19.52 32.82 -5.29
CA PRO A 35 19.54 33.41 -3.96
C PRO A 35 18.94 32.48 -2.90
N ILE A 36 19.59 32.45 -1.74
CA ILE A 36 19.02 31.83 -0.54
C ILE A 36 18.28 32.89 0.26
N VAL A 37 16.99 32.68 0.49
CA VAL A 37 16.11 33.74 0.95
C VAL A 37 15.82 33.67 2.44
N GLY A 38 16.25 32.59 3.08
CA GLY A 38 16.00 32.43 4.50
C GLY A 38 16.51 31.09 4.96
N ILE A 39 16.75 30.98 6.27
CA ILE A 39 17.26 29.77 6.88
C ILE A 39 16.44 29.46 8.13
N ALA A 40 16.15 28.18 8.37
CA ALA A 40 15.42 27.81 9.58
C ALA A 40 16.03 26.56 10.21
N VAL A 41 16.04 26.51 11.53
CA VAL A 41 16.57 25.35 12.25
C VAL A 41 15.61 24.99 13.39
N VAL A 42 15.32 23.71 13.52
CA VAL A 42 14.57 23.21 14.65
C VAL A 42 15.43 22.13 15.27
N ASN A 43 15.60 22.19 16.59
CA ASN A 43 16.33 21.16 17.29
C ASN A 43 15.78 21.02 18.71
N GLU A 44 16.48 20.29 19.56
CA GLU A 44 15.96 20.00 20.90
C GLU A 44 15.77 21.27 21.73
N HIS A 45 16.41 22.37 21.34
CA HIS A 45 16.40 23.61 22.14
C HIS A 45 15.41 24.66 21.67
N GLY A 46 14.85 24.51 20.47
CA GLY A 46 13.87 25.47 20.00
C GLY A 46 13.76 25.56 18.48
N ARG A 47 13.00 26.55 18.02
CA ARG A 47 12.81 26.81 16.59
C ARG A 47 13.30 28.20 16.22
N PHE A 48 14.23 28.24 15.26
CA PHE A 48 14.92 29.46 14.89
C PHE A 48 14.85 29.77 13.39
N PHE A 49 14.55 31.02 13.07
CA PHE A 49 14.67 31.52 11.70
C PHE A 49 15.84 32.49 11.66
N LEU A 50 16.69 32.36 10.66
CA LEU A 50 17.88 33.20 10.52
C LEU A 50 17.88 33.83 9.16
N ARG A 51 18.25 35.10 9.08
CA ARG A 51 18.38 35.77 7.80
C ARG A 51 19.68 35.25 7.18
N PRO A 52 19.68 35.03 5.86
CA PRO A 52 20.85 34.43 5.22
C PRO A 52 22.14 35.23 5.43
N GLU A 53 22.05 36.55 5.26
CA GLU A 53 23.23 37.41 5.34
C GLU A 53 23.93 37.22 6.68
N THR A 54 23.14 37.13 7.74
CA THR A 54 23.65 36.88 9.10
C THR A 54 24.33 35.51 9.22
N ALA A 55 23.53 34.46 9.09
CA ALA A 55 23.99 33.09 9.28
C ALA A 55 25.17 32.70 8.39
N LEU A 56 25.10 33.06 7.11
CA LEU A 56 26.13 32.64 6.17
C LEU A 56 27.44 33.43 6.32
N ALA A 57 27.35 34.62 6.91
CA ALA A 57 28.55 35.42 7.21
C ALA A 57 29.19 35.04 8.56
N ASP A 58 28.53 34.16 9.31
CA ASP A 58 28.97 33.77 10.65
C ASP A 58 29.84 32.51 10.61
N PRO A 59 31.12 32.64 10.97
CA PRO A 59 32.03 31.47 10.93
C PRO A 59 31.53 30.27 11.73
N GLN A 60 30.83 30.52 12.84
CA GLN A 60 30.33 29.44 13.68
C GLN A 60 29.22 28.61 13.02
N PHE A 61 28.31 29.30 12.32
CA PHE A 61 27.22 28.62 11.58
C PHE A 61 27.78 27.83 10.40
N VAL A 62 28.60 28.50 9.60
CA VAL A 62 29.24 27.86 8.47
C VAL A 62 30.02 26.65 8.92
N ALA A 63 30.67 26.75 10.07
CA ALA A 63 31.46 25.64 10.57
C ALA A 63 30.52 24.47 10.90
N TRP A 64 29.37 24.82 11.44
CA TRP A 64 28.38 23.81 11.78
C TRP A 64 27.85 23.18 10.47
N LEU A 65 27.44 24.03 9.53
CA LEU A 65 26.98 23.55 8.21
C LEU A 65 27.96 22.54 7.66
N GLY A 66 29.24 22.88 7.72
CA GLY A 66 30.28 22.00 7.24
C GLY A 66 30.61 20.77 8.06
N ASP A 67 30.09 20.69 9.29
CA ASP A 67 30.52 19.59 10.18
C ASP A 67 29.72 18.30 10.04
N GLU A 68 30.41 17.23 9.66
CA GLU A 68 29.80 15.95 9.41
C GLU A 68 29.14 15.30 10.63
N THR A 69 29.73 15.53 11.79
CA THR A 69 29.24 14.94 13.04
C THR A 69 27.98 15.63 13.50
N LYS A 70 27.68 16.79 12.92
CA LYS A 70 26.45 17.49 13.25
C LYS A 70 25.36 17.14 12.24
N LYS A 71 24.39 16.34 12.69
CA LYS A 71 23.40 15.75 11.80
C LYS A 71 22.24 16.68 11.44
N LYS A 72 21.95 16.76 10.14
CA LYS A 72 20.85 17.57 9.67
C LYS A 72 19.78 16.70 9.02
N SER A 73 18.52 17.07 9.22
CA SER A 73 17.42 16.47 8.51
C SER A 73 16.93 17.56 7.62
N MET A 74 16.73 17.25 6.33
CA MET A 74 16.29 18.26 5.38
C MET A 74 15.29 17.71 4.38
N PHE A 75 14.74 18.60 3.56
CA PHE A 75 13.95 18.22 2.40
C PHE A 75 14.69 18.78 1.19
N ASP A 76 15.15 17.90 0.29
CA ASP A 76 15.88 18.27 -0.95
C ASP A 76 17.20 18.88 -0.59
N SER A 77 18.04 18.08 0.03
CA SER A 77 19.32 18.56 0.47
C SER A 77 20.24 18.91 -0.71
N LYS A 78 20.11 18.20 -1.81
CA LYS A 78 20.91 18.53 -2.99
C LYS A 78 20.71 19.99 -3.43
N ARG A 79 19.47 20.48 -3.44
CA ARG A 79 19.15 21.89 -3.74
C ARG A 79 19.92 22.84 -2.80
N ALA A 80 19.91 22.49 -1.51
CA ALA A 80 20.61 23.27 -0.48
C ALA A 80 22.10 23.20 -0.70
N ALA A 81 22.61 21.99 -0.91
CA ALA A 81 24.03 21.73 -1.05
C ALA A 81 24.62 22.48 -2.24
N VAL A 82 23.87 22.53 -3.33
CA VAL A 82 24.36 23.20 -4.53
C VAL A 82 24.27 24.71 -4.41
N ALA A 83 23.14 25.21 -3.94
CA ALA A 83 22.96 26.65 -3.77
C ALA A 83 23.97 27.19 -2.77
N LEU A 84 24.47 26.31 -1.90
CA LEU A 84 25.49 26.71 -0.93
C LEU A 84 26.85 26.68 -1.59
N LYS A 85 27.08 25.65 -2.43
CA LYS A 85 28.33 25.54 -3.18
C LYS A 85 28.56 26.77 -4.00
N TRP A 86 27.49 27.36 -4.52
CA TRP A 86 27.60 28.59 -5.30
C TRP A 86 27.99 29.78 -4.42
N LYS A 87 27.67 29.71 -3.13
CA LYS A 87 28.10 30.74 -2.20
C LYS A 87 29.39 30.35 -1.48
N GLY A 88 30.05 29.29 -1.94
CA GLY A 88 31.34 28.86 -1.39
C GLY A 88 31.29 28.12 -0.05
N ILE A 89 30.08 27.77 0.38
CA ILE A 89 29.90 27.09 1.64
C ILE A 89 29.69 25.60 1.45
N GLU A 90 30.27 24.80 2.34
CA GLU A 90 30.10 23.37 2.24
C GLU A 90 28.99 22.91 3.19
N LEU A 91 28.20 21.93 2.74
CA LEU A 91 27.18 21.32 3.58
C LEU A 91 27.49 19.83 3.79
N CYS A 92 27.61 19.40 5.04
CA CYS A 92 27.79 17.97 5.34
C CYS A 92 26.89 17.54 6.50
N GLY A 93 26.96 16.25 6.83
CA GLY A 93 26.19 15.71 7.94
C GLY A 93 24.71 15.53 7.67
N VAL A 94 24.32 15.46 6.40
CA VAL A 94 22.90 15.22 6.08
C VAL A 94 22.56 13.75 6.28
N SER A 95 21.73 13.48 7.28
CA SER A 95 21.47 12.09 7.64
C SER A 95 20.08 11.69 7.22
N PHE A 96 19.23 12.65 6.89
CA PHE A 96 17.89 12.32 6.43
C PHE A 96 17.34 13.33 5.45
N ASP A 97 16.94 12.84 4.27
CA ASP A 97 16.35 13.69 3.26
C ASP A 97 14.90 13.28 3.04
N LEU A 98 13.98 14.13 3.45
CA LEU A 98 12.54 13.84 3.39
C LEU A 98 11.99 13.70 1.94
N LEU A 99 12.57 14.44 1.00
CA LEU A 99 12.21 14.30 -0.42
C LEU A 99 12.47 12.89 -0.92
N LEU A 100 13.68 12.41 -0.67
CA LEU A 100 14.08 11.09 -1.12
C LEU A 100 13.33 9.99 -0.36
N ALA A 101 13.11 10.19 0.94
CA ALA A 101 12.33 9.23 1.73
C ALA A 101 10.92 9.08 1.17
N ALA A 102 10.27 10.19 0.86
CA ALA A 102 8.91 10.13 0.36
C ALA A 102 8.88 9.53 -1.05
N TYR A 103 9.88 9.89 -1.85
CA TYR A 103 9.98 9.35 -3.20
C TYR A 103 10.14 7.84 -3.19
N LEU A 104 10.92 7.32 -2.25
CA LEU A 104 11.08 5.88 -2.09
C LEU A 104 9.79 5.21 -1.63
N LEU A 105 9.09 5.86 -0.71
CA LEU A 105 7.84 5.27 -0.22
C LEU A 105 6.81 5.18 -1.34
N ASP A 106 6.72 6.22 -2.17
CA ASP A 106 5.76 6.19 -3.28
C ASP A 106 6.00 7.24 -4.35
N PRO A 107 6.68 6.87 -5.45
CA PRO A 107 7.03 7.77 -6.54
C PRO A 107 5.82 8.38 -7.23
N ALA A 108 4.69 7.67 -7.20
CA ALA A 108 3.48 8.17 -7.85
C ALA A 108 2.90 9.42 -7.19
N GLN A 109 3.24 9.64 -5.93
CA GLN A 109 2.70 10.80 -5.22
C GLN A 109 3.21 12.11 -5.82
N GLY A 110 4.37 12.06 -6.46
CA GLY A 110 4.95 13.26 -7.08
C GLY A 110 5.21 14.33 -6.02
N VAL A 111 5.68 13.89 -4.86
CA VAL A 111 5.96 14.80 -3.77
C VAL A 111 7.07 15.76 -4.20
N ASP A 112 6.80 17.07 -4.18
CA ASP A 112 7.86 18.02 -4.47
C ASP A 112 7.90 19.21 -3.52
N ASP A 113 7.17 19.11 -2.41
CA ASP A 113 7.39 20.04 -1.30
C ASP A 113 7.04 19.38 0.03
N VAL A 114 7.50 20.01 1.12
CA VAL A 114 7.35 19.44 2.44
C VAL A 114 5.87 19.13 2.74
N ALA A 115 4.96 20.03 2.38
CA ALA A 115 3.53 19.82 2.64
C ALA A 115 3.01 18.54 1.99
N ALA A 116 3.43 18.27 0.76
CA ALA A 116 3.02 17.03 0.10
C ALA A 116 3.60 15.80 0.84
N ALA A 117 4.83 15.89 1.31
CA ALA A 117 5.39 14.78 2.09
C ALA A 117 4.66 14.60 3.44
N ALA A 118 4.40 15.72 4.10
CA ALA A 118 3.67 15.76 5.38
C ALA A 118 2.33 15.05 5.26
N LYS A 119 1.67 15.24 4.13
CA LYS A 119 0.36 14.66 3.91
C LYS A 119 0.38 13.15 4.00
N MET A 120 1.46 12.54 3.54
CA MET A 120 1.59 11.08 3.58
C MET A 120 1.44 10.53 4.99
N LYS A 121 1.60 11.38 5.99
CA LYS A 121 1.40 10.97 7.39
C LYS A 121 0.36 11.86 8.07
N GLN A 122 -0.55 12.45 7.30
CA GLN A 122 -1.59 13.29 7.89
C GLN A 122 -0.99 14.24 8.90
N TYR A 123 0.02 14.98 8.46
CA TYR A 123 0.60 16.07 9.25
C TYR A 123 0.26 17.33 8.49
N GLU A 124 -0.45 18.26 9.13
CA GLU A 124 -0.92 19.43 8.39
C GLU A 124 -0.54 20.78 8.99
N ALA A 125 0.41 20.79 9.92
CA ALA A 125 0.84 22.04 10.51
C ALA A 125 1.87 22.74 9.62
N VAL A 126 1.70 22.62 8.30
CA VAL A 126 2.59 23.29 7.33
C VAL A 126 1.87 23.53 5.99
N ARG A 127 2.21 24.60 5.28
CA ARG A 127 1.49 24.93 4.04
C ARG A 127 2.28 24.60 2.77
N PRO A 128 1.56 24.36 1.65
CA PRO A 128 2.25 24.10 0.39
C PRO A 128 3.08 25.30 -0.04
N ASP A 129 4.20 25.05 -0.69
CA ASP A 129 5.05 26.14 -1.13
C ASP A 129 4.28 27.13 -2.00
N GLU A 130 3.63 26.59 -3.03
CA GLU A 130 2.90 27.41 -3.99
C GLU A 130 1.91 28.35 -3.31
N ALA A 131 1.29 27.89 -2.23
CA ALA A 131 0.29 28.67 -1.51
C ALA A 131 0.93 29.88 -0.83
N VAL A 132 2.22 29.78 -0.53
CA VAL A 132 2.91 30.86 0.14
C VAL A 132 3.65 31.82 -0.81
N TYR A 133 4.23 31.28 -1.89
CA TYR A 133 4.97 32.10 -2.85
C TYR A 133 4.18 32.47 -4.08
N GLY A 134 3.03 31.84 -4.28
CA GLY A 134 2.22 32.12 -5.46
C GLY A 134 2.78 31.49 -6.74
N LYS A 135 2.04 31.66 -7.83
CA LYS A 135 2.32 30.93 -9.07
C LYS A 135 2.68 31.85 -10.25
N GLY A 136 3.60 31.40 -11.09
CA GLY A 136 3.92 32.06 -12.35
C GLY A 136 4.57 33.42 -12.20
N ALA A 137 4.01 34.42 -12.88
CA ALA A 137 4.52 35.77 -12.80
C ALA A 137 4.21 36.43 -11.44
N LYS A 138 3.39 35.76 -10.63
CA LYS A 138 3.06 36.25 -9.29
C LYS A 138 4.06 35.75 -8.23
N ARG A 139 4.78 34.68 -8.56
CA ARG A 139 5.77 34.09 -7.68
C ARG A 139 6.65 35.16 -7.03
N ALA A 140 6.67 35.17 -5.70
CA ALA A 140 7.47 36.16 -4.95
C ALA A 140 7.64 35.71 -3.51
N VAL A 141 8.79 36.06 -2.93
CA VAL A 141 9.05 35.84 -1.52
C VAL A 141 8.14 36.74 -0.69
N PRO A 142 7.37 36.16 0.24
CA PRO A 142 6.47 37.02 1.02
C PRO A 142 7.17 37.77 2.16
N ASP A 143 6.41 38.61 2.86
CA ASP A 143 6.95 39.47 3.91
C ASP A 143 7.66 38.66 5.02
N GLU A 144 8.77 39.18 5.52
CA GLU A 144 9.62 38.42 6.45
C GLU A 144 8.87 37.54 7.47
N PRO A 145 7.91 38.12 8.20
CA PRO A 145 7.27 37.31 9.24
C PRO A 145 6.56 36.09 8.65
N VAL A 146 5.88 36.29 7.52
CA VAL A 146 5.15 35.24 6.83
C VAL A 146 6.10 34.20 6.26
N LEU A 147 7.22 34.68 5.73
CA LEU A 147 8.26 33.81 5.21
C LEU A 147 8.84 33.02 6.37
N ALA A 148 9.18 33.76 7.42
CA ALA A 148 9.76 33.16 8.61
C ALA A 148 8.91 32.02 9.15
N GLU A 149 7.60 32.22 9.27
CA GLU A 149 6.73 31.17 9.80
C GLU A 149 6.69 29.95 8.89
N HIS A 150 6.76 30.18 7.59
CA HIS A 150 6.71 29.09 6.63
C HIS A 150 7.94 28.21 6.72
N LEU A 151 9.12 28.83 6.66
CA LEU A 151 10.34 28.07 6.78
C LEU A 151 10.40 27.29 8.09
N VAL A 152 10.01 27.95 9.18
CA VAL A 152 10.00 27.28 10.48
C VAL A 152 9.05 26.10 10.49
N ARG A 153 7.84 26.26 9.96
CA ARG A 153 6.91 25.14 9.87
C ARG A 153 7.49 23.97 9.08
N LYS A 154 8.17 24.27 7.97
CA LYS A 154 8.80 23.21 7.17
C LYS A 154 9.86 22.47 7.94
N ALA A 155 10.71 23.18 8.68
CA ALA A 155 11.70 22.50 9.53
C ALA A 155 11.03 21.67 10.62
N ALA A 156 9.96 22.18 11.22
CA ALA A 156 9.29 21.46 12.30
C ALA A 156 8.65 20.15 11.78
N ALA A 157 8.02 20.23 10.62
CA ALA A 157 7.51 19.05 9.93
C ALA A 157 8.63 18.05 9.68
N ILE A 158 9.72 18.47 9.06
CA ILE A 158 10.85 17.56 8.85
C ILE A 158 11.27 16.87 10.15
N TRP A 159 11.34 17.65 11.22
CA TRP A 159 11.73 17.19 12.55
C TRP A 159 10.79 16.10 13.06
N GLU A 160 9.50 16.33 12.91
CA GLU A 160 8.49 15.38 13.36
C GLU A 160 8.38 14.16 12.47
N LEU A 161 8.69 14.34 11.18
CA LEU A 161 8.39 13.30 10.20
C LEU A 161 9.51 12.30 9.97
N GLU A 162 10.71 12.61 10.42
CA GLU A 162 11.84 11.68 10.24
C GLU A 162 11.57 10.26 10.76
N ARG A 163 11.24 10.15 12.04
CA ARG A 163 11.07 8.83 12.63
C ARG A 163 10.00 8.02 11.92
N PRO A 164 8.82 8.62 11.68
CA PRO A 164 7.70 7.95 11.01
C PRO A 164 8.02 7.51 9.58
N PHE A 165 8.83 8.28 8.86
CA PHE A 165 9.19 7.89 7.51
C PHE A 165 10.20 6.77 7.57
N LEU A 166 11.20 6.91 8.43
CA LEU A 166 12.24 5.88 8.59
C LEU A 166 11.58 4.58 9.03
N ASP A 167 10.55 4.72 9.85
CA ASP A 167 9.74 3.59 10.32
C ASP A 167 9.13 2.83 9.16
N GLU A 168 8.43 3.55 8.29
CA GLU A 168 7.79 2.91 7.16
C GLU A 168 8.78 2.39 6.11
N LEU A 169 9.89 3.10 5.91
CA LEU A 169 10.92 2.61 5.00
C LEU A 169 11.50 1.31 5.55
N ARG A 170 11.66 1.26 6.87
CA ARG A 170 12.22 0.09 7.51
C ARG A 170 11.32 -1.12 7.28
N ARG A 171 10.02 -0.91 7.42
CA ARG A 171 9.06 -1.97 7.16
C ARG A 171 9.16 -2.48 5.72
N ASN A 172 9.31 -1.56 4.77
CA ASN A 172 9.42 -1.92 3.34
C ASN A 172 10.77 -2.48 2.92
N GLU A 173 11.70 -2.59 3.87
CA GLU A 173 13.06 -2.97 3.56
C GLU A 173 13.78 -1.94 2.65
N GLN A 174 13.48 -0.66 2.84
CA GLN A 174 14.03 0.40 2.02
C GLN A 174 14.93 1.34 2.83
N ASP A 175 15.20 0.98 4.08
CA ASP A 175 16.00 1.82 4.95
C ASP A 175 17.43 1.99 4.41
N ARG A 176 18.03 0.90 3.94
CA ARG A 176 19.37 0.98 3.38
C ARG A 176 19.33 1.60 1.99
N LEU A 177 18.22 1.42 1.30
CA LEU A 177 18.03 2.04 -0.01
C LEU A 177 18.12 3.55 0.16
N LEU A 178 17.47 4.08 1.18
CA LEU A 178 17.62 5.50 1.43
C LEU A 178 19.03 5.87 1.93
N VAL A 179 19.47 5.22 3.00
CA VAL A 179 20.64 5.68 3.72
C VAL A 179 21.93 5.29 3.02
N GLU A 180 21.93 4.16 2.31
CA GLU A 180 23.15 3.69 1.69
C GLU A 180 23.20 3.92 0.18
N LEU A 181 22.05 4.18 -0.43
CA LEU A 181 22.07 4.46 -1.86
C LEU A 181 21.64 5.87 -2.23
N GLU A 182 20.35 6.19 -2.13
CA GLU A 182 19.92 7.50 -2.60
C GLU A 182 20.63 8.68 -1.92
N GLN A 183 20.84 8.63 -0.59
CA GLN A 183 21.39 9.80 0.11
C GLN A 183 22.87 10.12 -0.25
N PRO A 184 23.72 9.11 -0.23
CA PRO A 184 25.10 9.28 -0.68
C PRO A 184 25.12 9.69 -2.15
N LEU A 185 24.27 9.08 -2.98
CA LEU A 185 24.25 9.43 -4.39
C LEU A 185 23.95 10.92 -4.54
N SER A 186 23.07 11.43 -3.69
CA SER A 186 22.67 12.83 -3.75
C SER A 186 23.86 13.79 -3.65
N SER A 187 24.82 13.45 -2.79
CA SER A 187 26.02 14.31 -2.67
C SER A 187 26.85 14.25 -3.94
N ILE A 188 26.90 13.08 -4.55
CA ILE A 188 27.68 12.86 -5.76
C ILE A 188 27.08 13.61 -6.92
N LEU A 189 25.76 13.50 -7.06
CA LEU A 189 25.05 14.32 -8.03
C LEU A 189 25.30 15.82 -7.82
N ALA A 190 25.31 16.25 -6.55
CA ALA A 190 25.49 17.67 -6.28
C ALA A 190 26.86 18.17 -6.80
N GLU A 191 27.87 17.31 -6.67
CA GLU A 191 29.23 17.60 -7.12
C GLU A 191 29.26 17.66 -8.64
N MET A 192 28.60 16.69 -9.27
CA MET A 192 28.53 16.66 -10.73
C MET A 192 27.88 17.92 -11.29
N GLU A 193 26.72 18.29 -10.74
CA GLU A 193 26.01 19.48 -11.16
C GLU A 193 26.86 20.72 -10.98
N PHE A 194 27.48 20.84 -9.81
CA PHE A 194 28.27 22.03 -9.53
C PHE A 194 29.48 22.14 -10.46
N ALA A 195 30.16 21.03 -10.70
CA ALA A 195 31.32 21.03 -11.56
C ALA A 195 30.94 21.51 -12.97
N GLY A 196 29.82 20.99 -13.47
CA GLY A 196 29.37 21.35 -14.80
C GLY A 196 30.16 20.67 -15.91
N VAL A 197 29.75 20.94 -17.14
CA VAL A 197 30.42 20.40 -18.32
C VAL A 197 30.82 21.55 -19.22
N LYS A 198 32.07 21.57 -19.66
CA LYS A 198 32.54 22.70 -20.48
C LYS A 198 32.08 22.56 -21.93
N VAL A 199 31.66 23.66 -22.54
CA VAL A 199 31.15 23.64 -23.90
C VAL A 199 32.03 24.51 -24.82
N ASP A 200 32.37 23.96 -25.99
CA ASP A 200 33.06 24.72 -27.06
C ASP A 200 32.03 25.53 -27.83
N THR A 201 31.79 26.75 -27.37
CA THR A 201 30.70 27.56 -27.94
C THR A 201 30.99 28.10 -29.34
N LYS A 202 32.23 28.46 -29.64
CA LYS A 202 32.62 28.74 -31.03
C LYS A 202 32.18 27.60 -31.96
N ARG A 203 32.41 26.36 -31.55
CA ARG A 203 31.97 25.23 -32.39
C ARG A 203 30.47 25.25 -32.56
N LEU A 204 29.77 25.39 -31.45
CA LEU A 204 28.33 25.34 -31.46
C LEU A 204 27.77 26.43 -32.39
N GLU A 205 28.34 27.63 -32.27
CA GLU A 205 27.88 28.76 -33.07
C GLU A 205 28.17 28.53 -34.55
N GLN A 206 29.31 27.93 -34.84
CA GLN A 206 29.62 27.63 -36.25
C GLN A 206 28.62 26.64 -36.86
N MET A 207 28.32 25.56 -36.14
CA MET A 207 27.32 24.58 -36.61
C MET A 207 25.95 25.22 -36.82
N GLY A 208 25.59 26.16 -35.94
CA GLY A 208 24.31 26.86 -36.02
C GLY A 208 24.15 27.64 -37.32
N LYS A 209 25.21 28.34 -37.70
CA LYS A 209 25.22 29.04 -38.98
C LYS A 209 25.03 28.04 -40.13
N GLU A 210 25.84 26.97 -40.16
CA GLU A 210 25.73 25.97 -41.22
C GLU A 210 24.35 25.32 -41.24
N LEU A 211 23.85 25.00 -40.05
CA LEU A 211 22.54 24.39 -39.94
C LEU A 211 21.46 25.31 -40.52
N ALA A 212 21.56 26.61 -40.24
CA ALA A 212 20.58 27.58 -40.72
C ALA A 212 20.54 27.64 -42.24
N GLU A 213 21.69 27.44 -42.87
CA GLU A 213 21.78 27.45 -44.33
C GLU A 213 21.06 26.22 -44.89
N GLN A 214 21.41 25.05 -44.34
CA GLN A 214 20.86 23.79 -44.82
C GLN A 214 19.36 23.71 -44.58
N LEU A 215 18.92 24.31 -43.48
CA LEU A 215 17.52 24.38 -43.12
C LEU A 215 16.79 25.20 -44.19
N GLY A 216 17.36 26.36 -44.51
CA GLY A 216 16.81 27.20 -45.58
C GLY A 216 16.65 26.45 -46.88
N THR A 217 17.64 25.63 -47.23
CA THR A 217 17.62 24.83 -48.45
C THR A 217 16.50 23.79 -48.45
N VAL A 218 16.44 23.00 -47.39
CA VAL A 218 15.45 21.93 -47.31
C VAL A 218 14.07 22.54 -47.28
N GLU A 219 13.95 23.65 -46.55
CA GLU A 219 12.68 24.35 -46.46
C GLU A 219 12.17 24.62 -47.88
N GLN A 220 13.04 25.18 -48.72
CA GLN A 220 12.59 25.63 -50.01
C GLN A 220 12.25 24.46 -50.91
N ARG A 221 13.01 23.38 -50.79
CA ARG A 221 12.74 22.15 -51.53
C ARG A 221 11.34 21.66 -51.18
N ILE A 222 11.03 21.69 -49.89
CA ILE A 222 9.70 21.29 -49.42
C ILE A 222 8.57 22.14 -50.00
N TYR A 223 8.74 23.46 -50.03
CA TYR A 223 7.67 24.29 -50.61
C TYR A 223 7.50 23.97 -52.09
N GLU A 224 8.61 23.76 -52.79
CA GLU A 224 8.58 23.40 -54.22
C GLU A 224 7.82 22.10 -54.45
N LEU A 225 8.20 21.07 -53.71
CA LEU A 225 7.52 19.77 -53.81
C LEU A 225 6.04 19.87 -53.48
N ALA A 226 5.69 20.80 -52.58
CA ALA A 226 4.32 21.00 -52.10
C ALA A 226 3.48 21.91 -52.99
N GLY A 227 4.15 22.71 -53.82
CA GLY A 227 3.45 23.66 -54.66
C GLY A 227 3.03 24.88 -53.86
N GLN A 228 3.55 25.01 -52.64
CA GLN A 228 3.05 26.05 -51.77
C GLN A 228 3.91 26.23 -50.53
N GLU A 229 3.96 27.45 -50.02
CA GLU A 229 4.63 27.73 -48.76
C GLU A 229 3.69 27.49 -47.59
N PHE A 230 4.22 26.91 -46.52
CA PHE A 230 3.41 26.65 -45.33
C PHE A 230 4.35 26.45 -44.13
N ASN A 231 3.77 26.41 -42.93
CA ASN A 231 4.57 26.20 -41.73
C ASN A 231 4.77 24.69 -41.49
N ILE A 232 5.95 24.22 -41.87
CA ILE A 232 6.29 22.80 -41.80
C ILE A 232 6.29 22.32 -40.34
N ASN A 233 6.51 23.26 -39.43
CA ASN A 233 6.54 22.96 -37.99
C ASN A 233 5.18 22.93 -37.35
N SER A 234 4.14 23.09 -38.16
CA SER A 234 2.79 22.99 -37.69
C SER A 234 2.22 21.66 -38.14
N PRO A 235 2.15 20.67 -37.23
CA PRO A 235 1.51 19.43 -37.63
C PRO A 235 0.12 19.69 -38.25
N LYS A 236 -0.57 20.73 -37.79
CA LYS A 236 -1.88 21.09 -38.35
C LYS A 236 -1.84 21.56 -39.83
N GLN A 237 -1.01 22.56 -40.13
CA GLN A 237 -0.88 23.06 -41.49
C GLN A 237 -0.34 21.94 -42.39
N LEU A 238 0.59 21.17 -41.85
CA LEU A 238 1.26 20.09 -42.58
C LEU A 238 0.25 19.00 -43.00
N GLY A 239 -0.57 18.55 -42.06
CA GLY A 239 -1.58 17.55 -42.37
C GLY A 239 -2.51 17.98 -43.50
N VAL A 240 -2.79 19.29 -43.59
CA VAL A 240 -3.63 19.80 -44.69
C VAL A 240 -2.91 19.60 -46.02
N ILE A 241 -1.64 19.97 -46.06
CA ILE A 241 -0.84 19.79 -47.27
C ILE A 241 -0.77 18.29 -47.64
N LEU A 242 -0.45 17.46 -46.65
CA LEU A 242 -0.26 16.05 -46.95
C LEU A 242 -1.56 15.38 -47.34
N PHE A 243 -2.60 15.56 -46.54
CA PHE A 243 -3.76 14.69 -46.62
C PHE A 243 -4.95 15.29 -47.33
N GLU A 244 -4.92 16.62 -47.47
CA GLU A 244 -6.00 17.32 -48.16
C GLU A 244 -5.57 17.80 -49.52
N LYS A 245 -4.49 18.56 -49.59
CA LYS A 245 -3.98 19.02 -50.88
C LYS A 245 -3.28 17.91 -51.71
N LEU A 246 -2.35 17.17 -51.11
CA LEU A 246 -1.67 16.11 -51.83
C LEU A 246 -2.42 14.77 -51.80
N GLN A 247 -3.45 14.67 -50.97
CA GLN A 247 -4.30 13.49 -50.98
C GLN A 247 -3.61 12.18 -50.62
N LEU A 248 -2.58 12.23 -49.78
CA LEU A 248 -1.93 11.00 -49.37
C LEU A 248 -2.91 10.24 -48.49
N PRO A 249 -2.68 8.93 -48.33
CA PRO A 249 -3.57 8.18 -47.45
C PRO A 249 -3.44 8.60 -45.98
N VAL A 250 -4.55 8.53 -45.26
CA VAL A 250 -4.54 8.75 -43.80
C VAL A 250 -4.31 7.43 -43.05
N LEU A 251 -3.11 7.24 -42.54
CA LEU A 251 -2.78 6.03 -41.82
C LEU A 251 -3.23 6.08 -40.34
N LYS A 252 -3.43 7.27 -39.80
CA LYS A 252 -3.69 7.44 -38.36
C LYS A 252 -4.19 8.84 -38.03
N LYS A 253 -5.10 8.93 -37.08
CA LYS A 253 -5.56 10.22 -36.60
C LYS A 253 -5.32 10.23 -35.11
N THR A 254 -5.14 11.41 -34.53
CA THR A 254 -5.22 11.55 -33.08
C THR A 254 -6.40 12.43 -32.74
N LYS A 255 -6.57 12.71 -31.45
CA LYS A 255 -7.70 13.49 -30.98
C LYS A 255 -7.74 14.85 -31.68
N THR A 256 -6.58 15.37 -32.07
CA THR A 256 -6.54 16.70 -32.66
C THR A 256 -6.69 16.72 -34.17
N GLY A 257 -6.38 15.61 -34.84
CA GLY A 257 -6.49 15.57 -36.30
C GLY A 257 -5.62 14.49 -36.94
N TYR A 258 -5.14 14.75 -38.15
CA TYR A 258 -4.29 13.78 -38.87
C TYR A 258 -2.96 13.65 -38.18
N SER A 259 -2.48 12.43 -37.97
CA SER A 259 -1.13 12.24 -37.48
C SER A 259 -0.06 12.51 -38.57
N THR A 260 1.03 13.16 -38.19
CA THR A 260 2.17 13.31 -39.08
C THR A 260 3.43 12.80 -38.36
N SER A 261 3.26 11.82 -37.49
CA SER A 261 4.40 11.26 -36.77
C SER A 261 5.44 10.67 -37.74
N ALA A 262 6.70 10.62 -37.31
CA ALA A 262 7.76 10.03 -38.15
C ALA A 262 7.34 8.64 -38.63
N ASP A 263 6.73 7.87 -37.73
CA ASP A 263 6.25 6.52 -38.08
C ASP A 263 5.30 6.53 -39.26
N VAL A 264 4.30 7.41 -39.22
CA VAL A 264 3.37 7.59 -40.33
C VAL A 264 4.09 8.09 -41.61
N LEU A 265 4.82 9.19 -41.50
CA LEU A 265 5.58 9.73 -42.63
C LEU A 265 6.50 8.68 -43.30
N GLU A 266 7.20 7.89 -42.50
CA GLU A 266 8.06 6.88 -43.08
C GLU A 266 7.23 5.91 -43.93
N LYS A 267 6.04 5.59 -43.47
CA LYS A 267 5.13 4.73 -44.21
C LYS A 267 4.56 5.34 -45.48
N LEU A 268 4.55 6.67 -45.57
CA LEU A 268 4.01 7.33 -46.74
C LEU A 268 5.09 7.59 -47.78
N ALA A 269 6.34 7.23 -47.49
CA ALA A 269 7.45 7.55 -48.39
C ALA A 269 7.22 7.01 -49.82
N PRO A 270 6.51 5.89 -49.97
CA PRO A 270 6.28 5.41 -51.35
C PRO A 270 5.37 6.31 -52.17
N TYR A 271 4.60 7.17 -51.51
CA TYR A 271 3.59 7.96 -52.22
C TYR A 271 4.09 9.28 -52.71
N HIS A 272 5.10 9.83 -52.04
CA HIS A 272 5.53 11.18 -52.33
C HIS A 272 6.86 11.48 -51.66
N GLU A 273 7.80 12.07 -52.39
CA GLU A 273 9.13 12.31 -51.83
C GLU A 273 9.15 13.49 -50.84
N ILE A 274 8.09 14.27 -50.80
CA ILE A 274 8.06 15.38 -49.86
C ILE A 274 8.18 14.85 -48.42
N VAL A 275 7.69 13.64 -48.18
CA VAL A 275 7.70 13.15 -46.80
C VAL A 275 9.12 12.97 -46.26
N GLU A 276 10.05 12.48 -47.09
CA GLU A 276 11.42 12.31 -46.62
C GLU A 276 12.07 13.64 -46.32
N ASN A 277 11.73 14.64 -47.13
CA ASN A 277 12.30 15.94 -46.90
C ASN A 277 11.77 16.53 -45.60
N ILE A 278 10.48 16.37 -45.34
CA ILE A 278 9.88 16.87 -44.10
C ILE A 278 10.57 16.25 -42.88
N LEU A 279 10.81 14.94 -42.93
CA LEU A 279 11.44 14.26 -41.80
C LEU A 279 12.79 14.87 -41.54
N HIS A 280 13.49 15.16 -42.62
CA HIS A 280 14.85 15.69 -42.53
C HIS A 280 14.81 17.11 -41.99
N TYR A 281 13.86 17.89 -42.48
CA TYR A 281 13.66 19.24 -41.99
C TYR A 281 13.40 19.26 -40.48
N ARG A 282 12.55 18.37 -39.99
CA ARG A 282 12.24 18.40 -38.56
C ARG A 282 13.40 17.94 -37.69
N GLN A 283 14.20 17.02 -38.20
CA GLN A 283 15.42 16.60 -37.51
C GLN A 283 16.34 17.81 -37.34
N LEU A 284 16.65 18.47 -38.46
CA LEU A 284 17.52 19.63 -38.45
C LEU A 284 17.00 20.79 -37.59
N GLY A 285 15.69 21.00 -37.64
CA GLY A 285 15.03 22.07 -36.92
C GLY A 285 15.14 21.87 -35.42
N LYS A 286 15.12 20.60 -35.01
CA LYS A 286 15.26 20.24 -33.59
C LYS A 286 16.70 20.50 -33.14
N LEU A 287 17.65 20.11 -33.99
CA LEU A 287 19.06 20.32 -33.68
C LEU A 287 19.30 21.78 -33.42
N GLN A 288 18.74 22.62 -34.29
CA GLN A 288 18.99 24.05 -34.20
C GLN A 288 18.26 24.71 -33.03
N SER A 289 16.98 24.40 -32.86
CA SER A 289 16.20 25.04 -31.79
C SER A 289 16.68 24.65 -30.39
N THR A 290 17.03 23.39 -30.24
CA THR A 290 17.26 22.78 -28.94
C THR A 290 18.72 22.61 -28.60
N TYR A 291 19.48 22.05 -29.54
CA TYR A 291 20.85 21.70 -29.24
C TYR A 291 21.91 22.73 -29.69
N ILE A 292 21.46 23.77 -30.39
CA ILE A 292 22.34 24.89 -30.65
C ILE A 292 21.85 26.05 -29.82
N GLU A 293 20.65 26.53 -30.14
CA GLU A 293 20.10 27.71 -29.47
C GLU A 293 19.78 27.51 -27.99
N GLY A 294 18.97 26.49 -27.68
CA GLY A 294 18.70 26.15 -26.28
C GLY A 294 19.97 25.97 -25.46
N LEU A 295 20.89 25.17 -25.98
CA LEU A 295 22.15 24.93 -25.30
C LEU A 295 22.94 26.23 -25.10
N LEU A 296 23.01 27.08 -26.13
CA LEU A 296 23.68 28.36 -25.96
C LEU A 296 22.99 29.30 -24.95
N LYS A 297 21.66 29.24 -24.85
CA LYS A 297 20.98 30.09 -23.85
C LYS A 297 21.37 29.77 -22.42
N VAL A 298 21.77 28.55 -22.14
CA VAL A 298 22.00 28.15 -20.75
C VAL A 298 23.47 27.96 -20.39
N VAL A 299 24.36 28.10 -21.35
CA VAL A 299 25.77 28.07 -21.02
C VAL A 299 26.14 29.31 -20.20
N ARG A 300 26.94 29.15 -19.14
CA ARG A 300 27.40 30.30 -18.39
CA ARG A 300 27.43 30.29 -18.37
C ARG A 300 28.58 30.96 -19.13
N PRO A 301 28.35 32.18 -19.63
CA PRO A 301 29.24 32.86 -20.57
C PRO A 301 30.71 32.94 -20.16
N ALA A 302 31.01 33.14 -18.87
CA ALA A 302 32.40 33.38 -18.49
C ALA A 302 33.20 32.08 -18.28
N THR A 303 32.52 31.01 -17.89
CA THR A 303 33.17 29.76 -17.62
C THR A 303 32.93 28.81 -18.79
N LYS A 304 31.95 29.14 -19.62
CA LYS A 304 31.51 28.25 -20.70
C LYS A 304 31.09 26.86 -20.21
N LYS A 305 30.49 26.81 -19.02
CA LYS A 305 29.97 25.54 -18.52
C LYS A 305 28.46 25.53 -18.54
N VAL A 306 27.91 24.33 -18.66
CA VAL A 306 26.48 24.16 -18.50
C VAL A 306 26.32 23.33 -17.25
N HIS A 307 25.31 23.70 -16.45
CA HIS A 307 25.05 23.07 -15.15
C HIS A 307 23.64 22.48 -15.14
N THR A 308 23.52 21.19 -15.44
CA THR A 308 22.22 20.55 -15.50
C THR A 308 21.75 20.34 -14.06
N ILE A 309 20.48 19.97 -13.91
CA ILE A 309 19.99 19.49 -12.64
C ILE A 309 19.45 18.07 -12.84
N PHE A 310 20.00 17.13 -12.10
CA PHE A 310 19.53 15.77 -12.11
C PHE A 310 18.41 15.62 -11.10
N ASN A 311 17.20 15.45 -11.60
CA ASN A 311 16.06 15.22 -10.72
C ASN A 311 16.13 13.78 -10.24
N GLN A 312 16.45 13.61 -8.95
CA GLN A 312 16.60 12.31 -8.31
C GLN A 312 15.26 11.75 -7.79
N ALA A 313 14.23 12.57 -7.77
CA ALA A 313 12.96 12.17 -7.14
C ALA A 313 11.77 12.32 -8.07
N LEU A 314 11.89 11.84 -9.30
CA LEU A 314 10.88 12.12 -10.30
C LEU A 314 10.34 10.86 -11.03
N THR A 315 11.24 10.02 -11.53
CA THR A 315 10.80 8.93 -12.41
C THR A 315 10.14 7.81 -11.63
N GLN A 316 9.22 7.11 -12.30
CA GLN A 316 8.49 6.06 -11.63
C GLN A 316 9.31 4.81 -11.43
N THR A 317 10.44 4.70 -12.13
CA THR A 317 11.19 3.47 -12.10
C THR A 317 12.43 3.55 -11.26
N GLY A 318 12.80 4.76 -10.87
CA GLY A 318 14.02 4.93 -10.10
C GLY A 318 15.16 5.53 -10.93
N ARG A 319 14.91 5.76 -12.21
CA ARG A 319 15.91 6.45 -13.03
C ARG A 319 16.05 7.91 -12.61
N LEU A 320 17.18 8.53 -12.98
CA LEU A 320 17.33 9.97 -12.87
C LEU A 320 16.68 10.63 -14.09
N SER A 321 16.37 11.92 -14.01
CA SER A 321 16.17 12.71 -15.22
C SER A 321 17.09 13.92 -15.12
N SER A 322 17.21 14.65 -16.22
CA SER A 322 18.18 15.72 -16.36
C SER A 322 17.44 16.91 -16.99
N THR A 323 17.54 18.09 -16.39
CA THR A 323 16.83 19.26 -16.89
C THR A 323 17.67 20.53 -16.99
N GLU A 324 17.24 21.38 -17.92
CA GLU A 324 17.70 22.75 -18.04
C GLU A 324 19.23 22.92 -17.98
N PRO A 325 19.95 22.35 -18.95
CA PRO A 325 19.49 21.58 -20.08
C PRO A 325 19.47 20.09 -19.75
N ASN A 326 18.71 19.32 -20.53
CA ASN A 326 18.76 17.86 -20.47
C ASN A 326 20.05 17.43 -21.15
N LEU A 327 20.97 16.83 -20.40
CA LEU A 327 22.21 16.33 -20.99
C LEU A 327 22.19 14.82 -21.18
N GLN A 328 21.04 14.20 -20.94
CA GLN A 328 20.85 12.79 -21.20
C GLN A 328 20.17 12.49 -22.53
N ASN A 329 19.89 13.53 -23.32
CA ASN A 329 19.35 13.30 -24.66
C ASN A 329 20.08 14.06 -25.76
N ILE A 330 21.40 14.18 -25.61
CA ILE A 330 22.23 14.84 -26.64
C ILE A 330 22.36 13.90 -27.85
N PRO A 331 22.16 14.40 -29.07
CA PRO A 331 22.07 13.49 -30.21
C PRO A 331 23.27 12.56 -30.41
N ILE A 332 23.01 11.37 -30.94
CA ILE A 332 24.09 10.43 -31.25
C ILE A 332 23.77 9.52 -32.43
N ARG A 333 22.48 9.29 -32.68
CA ARG A 333 22.07 8.23 -33.62
C ARG A 333 22.25 8.61 -35.10
N LEU A 334 22.22 9.89 -35.43
CA LEU A 334 22.47 10.33 -36.81
C LEU A 334 23.78 11.10 -36.85
N GLU A 335 24.59 10.88 -37.89
CA GLU A 335 25.89 11.52 -37.90
C GLU A 335 25.79 13.06 -37.80
N GLU A 336 24.84 13.67 -38.51
CA GLU A 336 24.67 15.13 -38.41
C GLU A 336 24.44 15.62 -36.97
N GLY A 337 23.66 14.88 -36.19
CA GLY A 337 23.36 15.30 -34.82
C GLY A 337 24.52 15.01 -33.87
N ARG A 338 25.11 13.85 -34.07
CA ARG A 338 26.21 13.39 -33.25
C ARG A 338 27.32 14.45 -33.15
N LYS A 339 27.50 15.24 -34.19
CA LYS A 339 28.58 16.24 -34.15
C LYS A 339 28.40 17.26 -33.03
N ILE A 340 27.17 17.41 -32.55
CA ILE A 340 26.92 18.31 -31.42
C ILE A 340 27.84 17.93 -30.29
N ARG A 341 28.16 16.64 -30.16
CA ARG A 341 29.00 16.15 -29.07
C ARG A 341 30.43 16.63 -29.16
N GLN A 342 30.84 17.12 -30.33
CA GLN A 342 32.19 17.67 -30.46
C GLN A 342 32.32 18.92 -29.63
N ALA A 343 31.18 19.53 -29.27
CA ALA A 343 31.25 20.76 -28.49
C ALA A 343 31.36 20.52 -26.98
N PHE A 344 31.31 19.26 -26.56
CA PHE A 344 31.43 18.97 -25.13
C PHE A 344 32.85 18.54 -24.84
N VAL A 345 33.55 19.33 -24.05
CA VAL A 345 34.99 19.18 -23.97
C VAL A 345 35.49 19.22 -22.52
N PRO A 346 36.75 18.80 -22.30
CA PRO A 346 37.30 18.85 -20.95
C PRO A 346 37.40 20.26 -20.40
N SER A 347 37.32 20.39 -19.09
CA SER A 347 37.35 21.69 -18.45
C SER A 347 38.79 22.16 -18.20
N GLU A 348 39.76 21.25 -18.20
CA GLU A 348 41.19 21.61 -18.03
C GLU A 348 42.02 21.25 -19.26
N SER A 349 43.09 22.01 -19.50
CA SER A 349 44.06 21.66 -20.56
C SER A 349 44.60 20.24 -20.39
N ASP A 350 44.69 19.52 -21.49
CA ASP A 350 45.30 18.18 -21.47
C ASP A 350 44.54 17.16 -20.64
N TRP A 351 43.28 17.47 -20.32
CA TRP A 351 42.35 16.45 -19.83
C TRP A 351 41.58 15.86 -21.01
N LEU A 352 41.00 14.69 -20.82
CA LEU A 352 40.22 14.04 -21.87
C LEU A 352 38.87 13.54 -21.34
N ILE A 353 37.94 13.19 -22.23
CA ILE A 353 36.66 12.61 -21.83
C ILE A 353 36.73 11.08 -21.83
N PHE A 354 36.32 10.46 -20.73
CA PHE A 354 36.23 9.01 -20.64
C PHE A 354 34.75 8.69 -20.50
N ALA A 355 34.29 7.67 -21.24
CA ALA A 355 32.89 7.28 -21.17
C ALA A 355 32.79 5.78 -21.10
N ALA A 356 31.92 5.30 -20.22
CA ALA A 356 31.78 3.89 -19.95
C ALA A 356 30.32 3.53 -19.96
N ASP A 357 29.98 2.41 -20.62
CA ASP A 357 28.58 2.05 -20.89
C ASP A 357 28.30 0.57 -20.65
N TYR A 358 27.23 0.26 -19.92
CA TYR A 358 26.86 -1.14 -19.75
C TYR A 358 26.38 -1.72 -21.07
N SER A 359 26.94 -2.85 -21.47
CA SER A 359 26.49 -3.54 -22.67
C SER A 359 25.21 -4.34 -22.36
N GLN A 360 24.19 -4.18 -23.20
CA GLN A 360 22.97 -4.98 -23.09
C GLN A 360 22.39 -5.01 -21.68
N ILE A 361 22.53 -3.90 -20.96
CA ILE A 361 22.33 -3.90 -19.51
C ILE A 361 21.04 -4.54 -19.05
N GLU A 362 19.90 -4.06 -19.53
CA GLU A 362 18.66 -4.63 -19.04
C GLU A 362 18.44 -6.09 -19.39
N LEU A 363 18.96 -6.52 -20.54
CA LEU A 363 18.91 -7.94 -20.88
C LEU A 363 19.70 -8.81 -19.91
N ARG A 364 20.85 -8.34 -19.45
CA ARG A 364 21.60 -9.05 -18.42
C ARG A 364 20.81 -9.08 -17.10
N VAL A 365 20.21 -7.95 -16.75
CA VAL A 365 19.40 -7.87 -15.55
C VAL A 365 18.23 -8.84 -15.63
N LEU A 366 17.47 -8.75 -16.71
CA LEU A 366 16.37 -9.68 -16.93
C LEU A 366 16.83 -11.15 -16.88
N ALA A 367 18.01 -11.43 -17.43
CA ALA A 367 18.52 -12.80 -17.43
C ALA A 367 18.74 -13.30 -15.99
N HIS A 368 19.29 -12.44 -15.16
CA HIS A 368 19.48 -12.76 -13.75
C HIS A 368 18.13 -12.94 -13.09
N ILE A 369 17.27 -11.94 -13.26
CA ILE A 369 15.97 -11.94 -12.62
C ILE A 369 15.09 -13.10 -13.08
N ALA A 370 14.94 -13.26 -14.39
CA ALA A 370 14.07 -14.33 -14.92
C ALA A 370 14.71 -15.72 -14.82
N GLU A 371 16.03 -15.77 -14.63
CA GLU A 371 16.74 -17.05 -14.55
C GLU A 371 16.54 -17.91 -15.79
N ASP A 372 16.51 -17.29 -16.95
CA ASP A 372 16.42 -18.01 -18.22
C ASP A 372 17.79 -18.56 -18.58
N ASP A 373 17.87 -19.88 -18.76
CA ASP A 373 19.15 -20.54 -18.99
C ASP A 373 19.72 -20.18 -20.34
N ASN A 374 18.85 -20.11 -21.35
CA ASN A 374 19.28 -19.76 -22.69
C ASN A 374 19.87 -18.36 -22.72
N LEU A 375 19.15 -17.41 -22.16
CA LEU A 375 19.63 -16.04 -22.07
C LEU A 375 20.92 -15.96 -21.25
N MET A 376 20.93 -16.57 -20.06
CA MET A 376 22.13 -16.57 -19.24
C MET A 376 23.24 -17.33 -19.96
N GLU A 377 22.86 -18.32 -20.75
CA GLU A 377 23.81 -19.09 -21.55
C GLU A 377 24.39 -18.22 -22.68
N ALA A 378 23.52 -17.46 -23.34
CA ALA A 378 23.95 -16.52 -24.36
C ALA A 378 24.98 -15.54 -23.80
N PHE A 379 24.82 -15.19 -22.52
CA PHE A 379 25.69 -14.20 -21.87
C PHE A 379 27.01 -14.73 -21.31
N ARG A 380 26.98 -15.89 -20.66
CA ARG A 380 28.23 -16.50 -20.22
C ARG A 380 29.08 -16.83 -21.46
N ARG A 381 28.42 -17.00 -22.61
CA ARG A 381 29.09 -17.18 -23.89
C ARG A 381 29.39 -15.85 -24.62
N ASP A 382 29.00 -14.74 -24.00
CA ASP A 382 29.32 -13.41 -24.53
C ASP A 382 28.86 -13.23 -25.99
N LEU A 383 27.63 -13.62 -26.29
CA LEU A 383 27.05 -13.29 -27.59
C LEU A 383 26.58 -11.84 -27.52
N ASP A 384 26.45 -11.19 -28.67
CA ASP A 384 25.76 -9.90 -28.70
C ASP A 384 24.35 -10.14 -29.24
N ILE A 385 23.40 -10.25 -28.32
CA ILE A 385 22.02 -10.55 -28.67
C ILE A 385 21.41 -9.49 -29.60
N HIS A 386 21.87 -8.24 -29.49
CA HIS A 386 21.38 -7.18 -30.38
C HIS A 386 21.78 -7.49 -31.81
N THR A 387 23.09 -7.66 -32.03
CA THR A 387 23.60 -8.10 -33.34
C THR A 387 22.95 -9.39 -33.82
N LYS A 388 22.82 -10.37 -32.92
CA LYS A 388 22.16 -11.64 -33.26
C LYS A 388 20.76 -11.41 -33.79
N THR A 389 19.90 -10.82 -32.97
CA THR A 389 18.55 -10.46 -33.42
C THR A 389 18.59 -9.69 -34.75
N ALA A 390 19.56 -8.79 -34.89
CA ALA A 390 19.71 -8.02 -36.12
C ALA A 390 19.92 -8.96 -37.28
N MET A 391 20.86 -9.89 -37.12
CA MET A 391 21.14 -10.88 -38.16
C MET A 391 19.85 -11.57 -38.59
N ASP A 392 19.02 -11.91 -37.60
CA ASP A 392 17.73 -12.55 -37.81
C ASP A 392 16.74 -11.63 -38.56
N ILE A 393 16.60 -10.39 -38.11
CA ILE A 393 15.55 -9.50 -38.62
C ILE A 393 15.79 -9.08 -40.08
N PHE A 394 17.04 -8.78 -40.41
CA PHE A 394 17.38 -8.32 -41.73
C PHE A 394 17.89 -9.49 -42.57
N GLN A 395 17.99 -10.66 -41.94
CA GLN A 395 18.45 -11.86 -42.63
C GLN A 395 19.84 -11.64 -43.17
N VAL A 396 20.79 -11.38 -42.29
CA VAL A 396 22.14 -10.99 -42.72
C VAL A 396 23.20 -11.64 -41.84
N SER A 397 24.46 -11.50 -42.24
CA SER A 397 25.58 -12.06 -41.49
C SER A 397 26.10 -11.03 -40.51
N GLU A 398 26.74 -11.49 -39.44
CA GLU A 398 27.26 -10.59 -38.41
C GLU A 398 27.95 -9.34 -38.96
N ASP A 399 28.69 -9.49 -40.05
CA ASP A 399 29.51 -8.40 -40.59
C ASP A 399 28.70 -7.41 -41.39
N GLU A 400 27.48 -7.81 -41.80
CA GLU A 400 26.61 -6.91 -42.56
C GLU A 400 25.63 -6.19 -41.63
N VAL A 401 25.91 -6.22 -40.33
CA VAL A 401 25.07 -5.55 -39.36
C VAL A 401 25.62 -4.17 -39.07
N THR A 402 24.99 -3.16 -39.67
CA THR A 402 25.37 -1.77 -39.43
C THR A 402 24.96 -1.35 -38.03
N PRO A 403 25.63 -0.32 -37.49
CA PRO A 403 25.30 0.19 -36.16
C PRO A 403 23.82 0.57 -36.07
N ASN A 404 23.23 0.85 -37.22
CA ASN A 404 21.84 1.28 -37.30
C ASN A 404 20.81 0.15 -37.20
N MET A 405 21.08 -0.95 -37.90
CA MET A 405 20.30 -2.16 -37.77
C MET A 405 20.38 -2.70 -36.33
N ARG A 406 21.56 -2.59 -35.72
CA ARG A 406 21.76 -3.04 -34.34
C ARG A 406 20.90 -2.22 -33.38
N ARG A 407 20.70 -0.95 -33.71
CA ARG A 407 19.85 -0.09 -32.90
C ARG A 407 18.38 -0.48 -33.09
N GLN A 408 18.02 -0.89 -34.30
CA GLN A 408 16.66 -1.39 -34.52
C GLN A 408 16.40 -2.71 -33.81
N ALA A 409 17.41 -3.58 -33.82
CA ALA A 409 17.27 -4.91 -33.23
C ALA A 409 17.09 -4.74 -31.73
N LYS A 410 17.77 -3.75 -31.19
CA LYS A 410 17.76 -3.45 -29.76
C LYS A 410 16.35 -3.11 -29.28
N ALA A 411 15.65 -2.28 -30.05
CA ALA A 411 14.28 -1.90 -29.71
C ALA A 411 13.36 -3.10 -29.80
N VAL A 412 13.69 -4.05 -30.68
CA VAL A 412 12.90 -5.27 -30.84
C VAL A 412 13.09 -6.26 -29.68
N ASN A 413 14.35 -6.45 -29.29
CA ASN A 413 14.67 -7.30 -28.15
C ASN A 413 13.95 -6.70 -26.93
N TYR A 414 14.17 -5.42 -26.68
CA TYR A 414 13.52 -4.79 -25.54
C TYR A 414 12.01 -4.68 -25.71
N GLY A 415 11.56 -4.40 -26.93
CA GLY A 415 10.13 -4.35 -27.19
C GLY A 415 9.41 -5.61 -26.77
N ILE A 416 9.97 -6.75 -27.16
CA ILE A 416 9.33 -8.05 -26.90
C ILE A 416 9.35 -8.39 -25.40
N VAL A 417 10.52 -8.35 -24.78
CA VAL A 417 10.57 -8.62 -23.35
C VAL A 417 9.63 -7.69 -22.58
N TYR A 418 9.42 -6.48 -23.10
CA TYR A 418 8.54 -5.52 -22.44
C TYR A 418 7.13 -5.50 -23.00
N GLY A 419 6.74 -6.58 -23.67
CA GLY A 419 5.33 -6.79 -24.02
C GLY A 419 4.76 -6.09 -25.24
N ILE A 420 5.61 -5.82 -26.23
CA ILE A 420 5.12 -5.28 -27.50
C ILE A 420 4.12 -6.28 -28.08
N SER A 421 3.06 -5.79 -28.72
CA SER A 421 2.09 -6.71 -29.34
C SER A 421 2.51 -7.03 -30.78
N ASP A 422 1.86 -8.02 -31.37
CA ASP A 422 2.16 -8.34 -32.76
C ASP A 422 1.99 -7.09 -33.62
N TYR A 423 0.92 -6.33 -33.35
CA TYR A 423 0.68 -5.07 -34.07
C TYR A 423 1.85 -4.09 -34.00
N GLY A 424 2.32 -3.81 -32.78
CA GLY A 424 3.39 -2.85 -32.61
C GLY A 424 4.66 -3.30 -33.28
N LEU A 425 4.96 -4.59 -33.21
CA LEU A 425 6.15 -5.12 -33.85
C LEU A 425 6.02 -4.97 -35.39
N ALA A 426 4.90 -5.44 -35.94
CA ALA A 426 4.66 -5.28 -37.38
C ALA A 426 4.75 -3.80 -37.81
N GLN A 427 4.20 -2.90 -36.99
CA GLN A 427 4.26 -1.47 -37.29
C GLN A 427 5.66 -0.89 -37.14
N ASN A 428 6.44 -1.48 -36.23
CA ASN A 428 7.78 -0.97 -35.96
C ASN A 428 8.71 -1.30 -37.11
N LEU A 429 8.58 -2.50 -37.63
CA LEU A 429 9.47 -2.98 -38.68
C LEU A 429 8.81 -2.97 -40.05
N ASN A 430 7.65 -2.32 -40.15
CA ASN A 430 6.89 -2.38 -41.39
C ASN A 430 6.84 -3.78 -41.96
N ILE A 431 6.49 -4.77 -41.14
CA ILE A 431 6.36 -6.12 -41.64
C ILE A 431 4.95 -6.65 -41.42
N SER A 432 4.71 -7.86 -41.89
CA SER A 432 3.42 -8.50 -41.73
C SER A 432 3.13 -8.79 -40.26
N ARG A 433 1.85 -8.72 -39.89
CA ARG A 433 1.41 -8.97 -38.51
C ARG A 433 1.50 -10.44 -38.13
N LYS A 434 1.20 -11.32 -39.09
CA LYS A 434 1.29 -12.75 -38.86
C LYS A 434 2.76 -13.11 -38.67
N GLU A 435 3.62 -12.45 -39.45
CA GLU A 435 5.06 -12.62 -39.34
C GLU A 435 5.53 -12.14 -37.98
N ALA A 436 5.01 -10.99 -37.56
CA ALA A 436 5.38 -10.40 -36.30
C ALA A 436 5.06 -11.37 -35.17
N ALA A 437 3.84 -11.91 -35.18
CA ALA A 437 3.40 -12.85 -34.15
C ALA A 437 4.31 -14.06 -34.05
N GLU A 438 4.67 -14.60 -35.21
CA GLU A 438 5.49 -15.80 -35.28
C GLU A 438 6.89 -15.52 -34.74
N PHE A 439 7.42 -14.35 -35.10
CA PHE A 439 8.71 -13.90 -34.58
C PHE A 439 8.72 -13.82 -33.05
N ILE A 440 7.62 -13.32 -32.49
CA ILE A 440 7.48 -13.25 -31.04
C ILE A 440 7.40 -14.66 -30.44
N GLU A 441 6.46 -15.45 -30.95
CA GLU A 441 6.31 -16.86 -30.59
C GLU A 441 7.68 -17.53 -30.56
N ARG A 442 8.45 -17.32 -31.61
CA ARG A 442 9.80 -17.86 -31.74
C ARG A 442 10.74 -17.36 -30.63
N TYR A 443 10.58 -16.09 -30.28
CA TYR A 443 11.42 -15.45 -29.27
C TYR A 443 11.18 -16.10 -27.91
N PHE A 444 9.91 -16.30 -27.57
CA PHE A 444 9.55 -16.90 -26.31
C PHE A 444 9.94 -18.38 -26.26
N GLU A 445 9.78 -19.07 -27.40
CA GLU A 445 10.30 -20.41 -27.57
C GLU A 445 11.75 -20.46 -27.16
N SER A 446 12.51 -19.48 -27.64
CA SER A 446 13.95 -19.46 -27.48
C SER A 446 14.37 -19.14 -26.04
N PHE A 447 13.50 -18.42 -25.33
CA PHE A 447 13.77 -17.99 -23.96
C PHE A 447 12.55 -18.17 -23.07
N PRO A 448 12.17 -19.43 -22.80
CA PRO A 448 10.92 -19.71 -22.09
C PRO A 448 10.94 -19.21 -20.64
N GLY A 449 12.14 -19.16 -20.05
CA GLY A 449 12.32 -18.58 -18.73
C GLY A 449 11.78 -17.16 -18.68
N VAL A 450 12.17 -16.35 -19.66
CA VAL A 450 11.63 -14.99 -19.80
C VAL A 450 10.11 -15.02 -19.94
N LYS A 451 9.59 -16.01 -20.67
CA LYS A 451 8.14 -16.10 -20.81
C LYS A 451 7.47 -16.42 -19.48
N ARG A 452 8.01 -17.41 -18.75
CA ARG A 452 7.47 -17.73 -17.42
C ARG A 452 7.55 -16.47 -16.55
N TYR A 453 8.75 -15.90 -16.46
CA TYR A 453 8.92 -14.70 -15.66
C TYR A 453 7.82 -13.66 -15.89
N MET A 454 7.61 -13.23 -17.14
CA MET A 454 6.65 -12.15 -17.41
C MET A 454 5.24 -12.52 -16.99
N GLU A 455 4.90 -13.80 -17.11
CA GLU A 455 3.61 -14.28 -16.62
C GLU A 455 3.55 -14.16 -15.10
N ASN A 456 4.62 -14.58 -14.42
CA ASN A 456 4.66 -14.55 -12.96
C ASN A 456 4.59 -13.16 -12.37
N ILE A 457 5.48 -12.28 -12.81
CA ILE A 457 5.54 -10.92 -12.27
C ILE A 457 4.20 -10.17 -12.41
N VAL A 458 3.42 -10.49 -13.44
CA VAL A 458 2.10 -9.90 -13.58
C VAL A 458 1.13 -10.45 -12.54
N GLN A 459 1.24 -11.75 -12.26
CA GLN A 459 0.44 -12.37 -11.20
C GLN A 459 0.78 -11.73 -9.85
N GLU A 460 2.05 -11.79 -9.49
CA GLU A 460 2.53 -11.10 -8.30
C GLU A 460 2.04 -9.67 -8.15
N ALA A 461 2.22 -8.87 -9.19
CA ALA A 461 1.71 -7.51 -9.15
C ALA A 461 0.22 -7.47 -8.80
N LYS A 462 -0.56 -8.41 -9.32
CA LYS A 462 -2.01 -8.40 -9.08
C LYS A 462 -2.33 -8.67 -7.63
N GLN A 463 -1.56 -9.56 -7.00
CA GLN A 463 -1.80 -9.95 -5.61
C GLN A 463 -1.31 -8.91 -4.61
N LYS A 464 -0.11 -8.37 -4.84
CA LYS A 464 0.52 -7.43 -3.91
C LYS A 464 0.15 -5.95 -4.10
N GLY A 465 -0.15 -5.54 -5.33
CA GLY A 465 -0.49 -4.15 -5.56
C GLY A 465 0.73 -3.29 -5.92
N TYR A 466 1.89 -3.93 -6.01
CA TYR A 466 3.14 -3.26 -6.37
C TYR A 466 4.22 -4.26 -6.88
N VAL A 467 5.25 -3.73 -7.55
CA VAL A 467 6.42 -4.53 -7.88
C VAL A 467 7.69 -3.94 -7.27
N THR A 468 8.78 -4.69 -7.30
CA THR A 468 10.00 -4.26 -6.64
C THR A 468 11.25 -4.55 -7.49
N THR A 469 12.35 -3.88 -7.17
CA THR A 469 13.61 -4.04 -7.91
C THR A 469 14.61 -4.77 -7.03
N LEU A 470 15.79 -5.05 -7.57
CA LEU A 470 16.83 -5.72 -6.81
C LEU A 470 17.08 -5.06 -5.46
N LEU A 471 17.09 -3.73 -5.42
CA LEU A 471 17.45 -3.03 -4.17
C LEU A 471 16.23 -2.56 -3.41
N HIS A 472 15.09 -3.15 -3.74
CA HIS A 472 13.84 -3.00 -3.00
C HIS A 472 13.16 -1.66 -3.24
N ARG A 473 13.44 -1.04 -4.39
CA ARG A 473 12.69 0.10 -4.82
C ARG A 473 11.33 -0.48 -5.13
N ARG A 474 10.29 0.33 -5.05
CA ARG A 474 8.93 -0.16 -5.20
C ARG A 474 8.12 0.74 -6.11
N ARG A 475 7.20 0.14 -6.87
CA ARG A 475 6.23 0.89 -7.62
C ARG A 475 4.86 0.26 -7.45
N TYR A 476 3.88 1.07 -7.07
CA TYR A 476 2.50 0.61 -6.90
C TYR A 476 1.74 0.64 -8.22
N LEU A 477 0.98 -0.41 -8.49
CA LEU A 477 0.19 -0.49 -9.71
C LEU A 477 -1.27 -0.86 -9.43
N PRO A 478 -2.05 0.09 -8.93
CA PRO A 478 -3.45 -0.08 -8.60
C PRO A 478 -4.27 -0.52 -9.81
N ASP A 479 -3.94 0.01 -10.99
CA ASP A 479 -4.71 -0.27 -12.19
C ASP A 479 -4.57 -1.69 -12.66
N ILE A 480 -3.68 -2.47 -12.05
CA ILE A 480 -3.44 -3.81 -12.56
C ILE A 480 -4.65 -4.73 -12.40
N THR A 481 -5.66 -4.31 -11.62
CA THR A 481 -6.88 -5.14 -11.51
C THR A 481 -8.06 -4.49 -12.24
N SER A 482 -7.77 -3.41 -12.96
CA SER A 482 -8.82 -2.70 -13.67
C SER A 482 -9.63 -3.60 -14.61
N ARG A 483 -10.91 -3.31 -14.66
CA ARG A 483 -11.83 -3.98 -15.55
C ARG A 483 -11.56 -3.59 -16.99
N ASN A 484 -11.00 -2.40 -17.18
CA ASN A 484 -10.72 -1.90 -18.52
C ASN A 484 -9.46 -2.55 -19.08
N PHE A 485 -9.61 -3.19 -20.23
CA PHE A 485 -8.47 -3.82 -20.91
C PHE A 485 -7.27 -2.88 -21.12
N ASN A 486 -7.53 -1.71 -21.69
CA ASN A 486 -6.46 -0.76 -21.95
C ASN A 486 -5.73 -0.40 -20.65
N VAL A 487 -6.49 0.09 -19.68
CA VAL A 487 -5.93 0.51 -18.41
C VAL A 487 -5.16 -0.63 -17.76
N ARG A 488 -5.75 -1.80 -17.73
CA ARG A 488 -5.12 -2.94 -17.09
C ARG A 488 -3.85 -3.35 -17.81
N SER A 489 -3.89 -3.30 -19.15
CA SER A 489 -2.77 -3.73 -19.98
C SER A 489 -1.56 -2.82 -19.71
N PHE A 490 -1.81 -1.53 -19.58
CA PHE A 490 -0.74 -0.59 -19.25
C PHE A 490 -0.07 -0.99 -17.95
N ALA A 491 -0.88 -1.33 -16.95
CA ALA A 491 -0.31 -1.73 -15.67
C ALA A 491 0.50 -2.98 -15.81
N GLU A 492 0.00 -3.94 -16.58
CA GLU A 492 0.73 -5.20 -16.67
C GLU A 492 2.10 -5.02 -17.30
N ARG A 493 2.18 -4.16 -18.33
CA ARG A 493 3.48 -3.89 -18.97
C ARG A 493 4.38 -3.09 -18.04
N MET A 494 3.79 -2.25 -17.20
CA MET A 494 4.59 -1.60 -16.17
C MET A 494 5.19 -2.64 -15.24
N ALA A 495 4.40 -3.66 -14.89
CA ALA A 495 4.94 -4.73 -14.04
C ALA A 495 6.04 -5.53 -14.72
N MET A 496 5.98 -5.65 -16.05
CA MET A 496 7.05 -6.32 -16.76
C MET A 496 8.32 -5.46 -16.81
N ASN A 497 8.13 -4.17 -17.01
CA ASN A 497 9.29 -3.29 -17.25
C ASN A 497 9.97 -2.73 -15.98
N THR A 498 9.18 -2.28 -15.03
CA THR A 498 9.73 -1.59 -13.86
C THR A 498 10.79 -2.40 -13.12
N PRO A 499 10.52 -3.69 -12.86
CA PRO A 499 11.57 -4.37 -12.12
C PRO A 499 12.92 -4.39 -12.87
N ILE A 500 12.90 -4.41 -14.19
CA ILE A 500 14.17 -4.54 -14.94
C ILE A 500 14.89 -3.19 -15.12
N GLN A 501 14.19 -2.20 -15.62
CA GLN A 501 14.73 -0.84 -15.74
C GLN A 501 15.07 -0.23 -14.37
N GLY A 502 14.18 -0.47 -13.40
CA GLY A 502 14.43 -0.06 -12.04
C GLY A 502 15.66 -0.73 -11.47
N SER A 503 15.81 -2.03 -11.69
CA SER A 503 17.02 -2.71 -11.21
C SER A 503 18.27 -2.16 -11.89
N ALA A 504 18.18 -1.96 -13.20
CA ALA A 504 19.32 -1.39 -13.91
C ALA A 504 19.64 -0.02 -13.33
N ALA A 505 18.62 0.73 -12.95
CA ALA A 505 18.85 2.04 -12.36
C ALA A 505 19.51 1.88 -11.00
N ASP A 506 19.03 0.92 -10.21
CA ASP A 506 19.70 0.61 -8.94
C ASP A 506 21.19 0.30 -9.14
N ILE A 507 21.48 -0.49 -10.15
CA ILE A 507 22.84 -0.99 -10.37
C ILE A 507 23.79 0.16 -10.68
N ILE A 508 23.42 1.00 -11.65
CA ILE A 508 24.32 2.09 -12.01
C ILE A 508 24.42 3.10 -10.88
N LYS A 509 23.38 3.23 -10.08
CA LYS A 509 23.48 4.15 -8.95
C LYS A 509 24.54 3.65 -7.96
N LYS A 510 24.46 2.39 -7.58
CA LYS A 510 25.48 1.81 -6.72
C LYS A 510 26.87 1.91 -7.34
N ALA A 511 26.94 1.68 -8.65
CA ALA A 511 28.21 1.80 -9.37
C ALA A 511 28.84 3.16 -9.18
N MET A 512 28.00 4.20 -9.18
CA MET A 512 28.47 5.56 -9.03
C MET A 512 29.05 5.82 -7.64
N ILE A 513 28.39 5.28 -6.62
CA ILE A 513 28.85 5.51 -5.25
C ILE A 513 30.20 4.81 -5.08
N ASP A 514 30.26 3.54 -5.47
CA ASP A 514 31.49 2.78 -5.42
C ASP A 514 32.63 3.46 -6.19
N LEU A 515 32.34 3.90 -7.41
CA LEU A 515 33.35 4.55 -8.24
C LEU A 515 33.90 5.80 -7.60
N ASN A 516 33.02 6.61 -7.02
CA ASN A 516 33.47 7.79 -6.32
C ASN A 516 34.47 7.42 -5.22
N ALA A 517 34.19 6.32 -4.52
CA ALA A 517 35.05 5.86 -3.43
C ALA A 517 36.43 5.42 -3.93
N ARG A 518 36.42 4.58 -4.98
CA ARG A 518 37.65 4.03 -5.55
C ARG A 518 38.52 5.13 -6.17
N LEU A 519 37.88 6.15 -6.72
CA LEU A 519 38.59 7.30 -7.26
C LEU A 519 39.35 8.00 -6.14
N LYS A 520 38.59 8.59 -5.22
CA LYS A 520 39.16 9.32 -4.08
C LYS A 520 40.14 8.45 -3.31
N GLU A 521 39.90 7.16 -3.33
CA GLU A 521 40.81 6.23 -2.69
C GLU A 521 42.18 6.34 -3.34
N GLU A 522 42.27 5.99 -4.62
CA GLU A 522 43.53 6.01 -5.37
C GLU A 522 44.00 7.42 -5.73
N ARG A 523 43.43 8.44 -5.11
CA ARG A 523 43.84 9.83 -5.33
C ARG A 523 43.85 10.31 -6.78
N LEU A 524 43.19 9.56 -7.66
CA LEU A 524 42.98 10.00 -9.03
C LEU A 524 42.27 11.36 -9.06
N GLN A 525 42.59 12.17 -10.06
CA GLN A 525 41.97 13.50 -10.22
C GLN A 525 40.69 13.43 -11.05
N ALA A 526 40.46 12.27 -11.65
CA ALA A 526 39.28 12.03 -12.50
C ALA A 526 38.01 12.29 -11.71
N HIS A 527 37.00 12.87 -12.36
CA HIS A 527 35.69 13.00 -11.71
C HIS A 527 34.50 12.85 -12.68
N LEU A 528 33.43 12.27 -12.17
CA LEU A 528 32.18 12.15 -12.88
C LEU A 528 31.65 13.49 -13.32
N LEU A 529 31.13 13.53 -14.56
CA LEU A 529 30.44 14.69 -15.09
C LEU A 529 28.95 14.35 -15.36
N LEU A 530 28.69 13.16 -15.87
CA LEU A 530 27.32 12.82 -16.26
C LEU A 530 27.01 11.35 -16.06
N GLN A 531 25.74 11.08 -15.82
CA GLN A 531 25.16 9.75 -15.94
C GLN A 531 24.08 9.86 -17.03
N VAL A 532 24.05 8.90 -17.94
CA VAL A 532 23.00 8.85 -18.96
C VAL A 532 22.36 7.47 -18.94
N HIS A 533 21.75 7.14 -17.80
CA HIS A 533 20.96 5.93 -17.60
C HIS A 533 21.77 4.65 -17.42
N ASP A 534 22.59 4.32 -18.40
CA ASP A 534 23.46 3.15 -18.28
C ASP A 534 24.89 3.47 -18.69
N GLU A 535 25.25 4.74 -18.62
CA GLU A 535 26.61 5.12 -18.92
C GLU A 535 27.08 6.19 -17.97
N LEU A 536 28.39 6.20 -17.74
CA LEU A 536 29.00 7.23 -16.93
C LEU A 536 30.04 7.96 -17.77
N ILE A 537 30.09 9.27 -17.63
CA ILE A 537 30.99 10.09 -18.41
C ILE A 537 31.84 10.88 -17.41
N LEU A 538 33.16 10.75 -17.55
CA LEU A 538 34.11 11.45 -16.70
C LEU A 538 35.07 12.26 -17.55
N GLU A 539 35.75 13.22 -16.90
CA GLU A 539 36.93 13.85 -17.48
C GLU A 539 38.10 13.63 -16.52
N ALA A 540 39.32 13.69 -17.04
CA ALA A 540 40.49 13.39 -16.22
C ALA A 540 41.73 13.70 -17.01
N PRO A 541 42.83 14.02 -16.30
CA PRO A 541 44.16 14.19 -16.90
C PRO A 541 44.50 13.02 -17.83
N LYS A 542 45.15 13.32 -18.95
CA LYS A 542 45.47 12.27 -19.91
C LYS A 542 46.21 11.09 -19.27
N GLU A 543 47.11 11.36 -18.33
CA GLU A 543 47.90 10.29 -17.71
C GLU A 543 47.03 9.23 -17.06
N GLU A 544 45.87 9.64 -16.57
CA GLU A 544 44.97 8.77 -15.80
C GLU A 544 44.19 7.75 -16.64
N MET A 545 44.13 7.98 -17.95
CA MET A 545 43.39 7.12 -18.87
C MET A 545 43.71 5.64 -18.67
N GLU A 546 44.99 5.35 -18.46
CA GLU A 546 45.45 3.97 -18.27
C GLU A 546 44.80 3.34 -17.04
N ARG A 547 44.80 4.09 -15.95
CA ARG A 547 44.21 3.60 -14.71
C ARG A 547 42.70 3.43 -14.88
N LEU A 548 42.06 4.49 -15.37
CA LEU A 548 40.62 4.47 -15.61
C LEU A 548 40.15 3.26 -16.43
N CYS A 549 40.90 2.91 -17.48
CA CYS A 549 40.54 1.79 -18.35
C CYS A 549 40.37 0.48 -17.61
N ARG A 550 41.04 0.32 -16.47
CA ARG A 550 40.86 -0.87 -15.66
C ARG A 550 39.81 -0.61 -14.59
N LEU A 551 39.90 0.56 -13.97
CA LEU A 551 39.10 0.89 -12.79
C LEU A 551 37.59 1.03 -13.06
N VAL A 552 37.22 1.94 -13.96
CA VAL A 552 35.81 2.19 -14.22
C VAL A 552 35.04 0.93 -14.61
N PRO A 553 35.58 0.13 -15.55
CA PRO A 553 34.88 -1.10 -15.92
C PRO A 553 34.81 -2.12 -14.78
N GLU A 554 35.86 -2.24 -13.98
CA GLU A 554 35.82 -3.16 -12.83
C GLU A 554 34.71 -2.76 -11.86
N VAL A 555 34.80 -1.55 -11.33
CA VAL A 555 33.79 -1.01 -10.43
C VAL A 555 32.37 -1.20 -10.95
N MET A 556 32.15 -0.82 -12.21
CA MET A 556 30.82 -0.89 -12.79
C MET A 556 30.34 -2.33 -12.92
N GLU A 557 31.25 -3.24 -13.29
CA GLU A 557 30.85 -4.63 -13.48
C GLU A 557 30.64 -5.37 -12.16
N GLN A 558 31.28 -4.90 -11.10
CA GLN A 558 31.19 -5.58 -9.81
C GLN A 558 30.34 -4.85 -8.77
N ALA A 559 29.55 -3.87 -9.22
CA ALA A 559 28.71 -3.11 -8.29
C ALA A 559 27.66 -4.02 -7.65
N VAL A 560 27.21 -5.00 -8.41
CA VAL A 560 26.39 -6.06 -7.87
C VAL A 560 26.84 -7.38 -8.45
N THR A 561 26.49 -8.47 -7.78
CA THR A 561 26.75 -9.79 -8.28
C THR A 561 25.45 -10.35 -8.83
N LEU A 562 25.44 -10.69 -10.12
CA LEU A 562 24.25 -11.27 -10.73
C LEU A 562 24.57 -12.71 -11.13
N ARG A 563 23.56 -13.46 -11.56
CA ARG A 563 23.74 -14.83 -12.04
C ARG A 563 24.56 -14.83 -13.33
N VAL A 564 24.77 -13.63 -13.89
CA VAL A 564 25.51 -13.45 -15.13
C VAL A 564 26.46 -12.27 -14.99
N PRO A 565 27.54 -12.26 -15.76
CA PRO A 565 28.46 -11.13 -15.64
C PRO A 565 27.92 -9.85 -16.29
N LEU A 566 28.41 -8.70 -15.84
CA LEU A 566 28.08 -7.44 -16.46
C LEU A 566 29.24 -7.05 -17.34
N LYS A 567 28.96 -6.36 -18.44
CA LYS A 567 30.01 -5.96 -19.39
C LYS A 567 29.95 -4.47 -19.66
N VAL A 568 31.11 -3.82 -19.59
CA VAL A 568 31.19 -2.37 -19.77
C VAL A 568 32.11 -2.01 -20.93
N ASP A 569 31.55 -1.35 -21.93
CA ASP A 569 32.29 -0.84 -23.06
C ASP A 569 32.81 0.55 -22.66
N TYR A 570 34.04 0.87 -23.02
CA TYR A 570 34.55 2.18 -22.70
C TYR A 570 35.47 2.77 -23.74
N HIS A 571 35.57 4.10 -23.75
CA HIS A 571 36.39 4.82 -24.71
C HIS A 571 36.69 6.20 -24.15
N TYR A 572 37.72 6.84 -24.69
CA TYR A 572 38.08 8.18 -24.28
C TYR A 572 38.66 8.96 -25.46
N GLY A 573 38.67 10.28 -25.34
CA GLY A 573 39.08 11.14 -26.44
C GLY A 573 39.03 12.60 -26.03
N SER A 574 39.41 13.48 -26.96
CA SER A 574 39.50 14.92 -26.68
C SER A 574 38.15 15.60 -26.56
N THR A 575 37.10 14.95 -27.06
CA THR A 575 35.74 15.48 -26.89
C THR A 575 34.75 14.36 -26.60
N TRP A 576 33.56 14.72 -26.13
CA TRP A 576 32.55 13.70 -25.91
C TRP A 576 32.35 12.93 -27.22
N TYR A 577 32.33 13.65 -28.34
CA TYR A 577 32.17 13.02 -29.65
C TYR A 577 33.21 11.88 -29.83
N ASP A 578 34.44 12.16 -29.42
CA ASP A 578 35.55 11.26 -29.72
C ASP A 578 35.65 10.09 -28.74
N ALA A 579 35.00 10.20 -27.60
CA ALA A 579 35.01 9.13 -26.63
C ALA A 579 34.14 7.99 -27.15
N LYS A 580 34.55 7.38 -28.26
CA LYS A 580 33.76 6.30 -28.90
C LYS A 580 34.58 5.20 -29.57
N LYS B 2 17.55 -13.97 38.03
CA LYS B 2 17.38 -14.44 36.64
C LYS B 2 17.05 -13.29 35.69
N MET B 3 16.43 -12.21 36.17
CA MET B 3 16.19 -11.00 35.35
C MET B 3 16.21 -9.70 36.14
N ALA B 4 17.20 -8.86 35.87
CA ALA B 4 17.38 -7.61 36.60
C ALA B 4 16.32 -6.57 36.25
N PHE B 5 15.78 -5.94 37.27
CA PHE B 5 14.87 -4.82 37.05
C PHE B 5 14.76 -4.00 38.33
N THR B 6 14.28 -2.77 38.17
CA THR B 6 14.09 -1.84 39.26
C THR B 6 12.62 -1.84 39.64
N LEU B 7 12.34 -2.09 40.91
CA LEU B 7 11.03 -1.86 41.46
C LEU B 7 11.04 -0.38 41.81
N ALA B 8 10.44 0.44 40.94
CA ALA B 8 10.56 1.89 41.09
C ALA B 8 9.58 2.40 42.12
N ASP B 9 10.01 3.40 42.90
CA ASP B 9 9.17 4.06 43.91
C ASP B 9 8.57 5.34 43.35
N ARG B 10 9.19 5.86 42.30
CA ARG B 10 8.64 6.98 41.56
C ARG B 10 9.09 6.91 40.10
N VAL B 11 8.46 7.69 39.24
CA VAL B 11 8.80 7.68 37.83
C VAL B 11 10.03 8.53 37.58
N THR B 12 10.96 8.01 36.79
CA THR B 12 12.17 8.76 36.46
C THR B 12 12.25 9.02 34.98
N GLU B 13 13.14 9.91 34.58
CA GLU B 13 13.17 10.32 33.20
C GLU B 13 13.59 9.19 32.26
N GLU B 14 14.44 8.28 32.74
CA GLU B 14 14.91 7.23 31.84
C GLU B 14 13.81 6.19 31.58
N MET B 15 12.73 6.25 32.36
CA MET B 15 11.58 5.39 32.13
C MET B 15 10.72 5.93 30.99
N LEU B 16 11.02 7.12 30.50
CA LEU B 16 10.16 7.79 29.51
C LEU B 16 10.80 7.95 28.13
N ALA B 17 11.62 6.98 27.73
CA ALA B 17 12.28 7.01 26.42
C ALA B 17 11.29 7.04 25.27
N ASP B 18 11.74 7.37 24.07
CA ASP B 18 10.80 7.45 22.98
C ASP B 18 10.48 6.10 22.32
N LYS B 19 11.00 5.01 22.88
CA LYS B 19 10.58 3.68 22.43
C LYS B 19 10.64 2.72 23.60
N ALA B 20 9.55 2.02 23.88
CA ALA B 20 9.52 1.11 25.00
C ALA B 20 8.54 -0.03 24.81
N ALA B 21 8.78 -1.16 25.48
CA ALA B 21 7.75 -2.17 25.66
C ALA B 21 7.04 -1.80 26.94
N LEU B 22 5.71 -1.93 26.94
CA LEU B 22 4.87 -1.44 28.02
C LEU B 22 3.86 -2.51 28.35
N VAL B 23 3.74 -2.82 29.62
CA VAL B 23 2.74 -3.74 30.11
C VAL B 23 1.91 -3.01 31.17
N VAL B 24 0.59 -2.92 30.93
CA VAL B 24 -0.37 -2.31 31.86
C VAL B 24 -1.34 -3.45 32.15
N GLU B 25 -1.10 -4.14 33.27
CA GLU B 25 -1.73 -5.44 33.52
C GLU B 25 -3.15 -5.36 34.10
N VAL B 26 -4.10 -5.95 33.38
CA VAL B 26 -5.43 -6.14 33.88
C VAL B 26 -5.67 -7.63 33.86
N VAL B 27 -5.87 -8.19 35.05
CA VAL B 27 -6.05 -9.62 35.18
C VAL B 27 -7.51 -10.06 34.99
N GLU B 28 -8.47 -9.21 35.32
CA GLU B 28 -9.88 -9.60 35.09
C GLU B 28 -10.14 -9.81 33.61
N GLU B 29 -10.79 -10.91 33.25
CA GLU B 29 -10.97 -11.26 31.85
C GLU B 29 -11.73 -10.15 31.14
N ASN B 30 -12.75 -9.64 31.81
CA ASN B 30 -13.50 -8.49 31.27
C ASN B 30 -12.87 -7.23 31.85
N TYR B 31 -12.21 -6.47 30.99
CA TYR B 31 -11.40 -5.34 31.42
C TYR B 31 -12.14 -4.01 31.64
N HIS B 32 -13.45 -3.98 31.43
CA HIS B 32 -14.19 -2.73 31.59
C HIS B 32 -14.23 -2.33 33.08
N ASP B 33 -13.69 -1.16 33.40
CA ASP B 33 -13.63 -0.62 34.75
C ASP B 33 -12.92 -1.61 35.70
N ALA B 34 -11.91 -2.33 35.21
CA ALA B 34 -11.27 -3.34 36.03
C ALA B 34 -9.97 -2.80 36.61
N PRO B 35 -9.47 -3.40 37.69
CA PRO B 35 -8.24 -2.84 38.31
C PRO B 35 -7.04 -3.05 37.41
N ILE B 36 -6.13 -2.09 37.44
CA ILE B 36 -4.79 -2.26 36.83
C ILE B 36 -3.87 -2.66 37.99
N VAL B 37 -3.28 -3.85 37.93
CA VAL B 37 -2.57 -4.42 39.06
C VAL B 37 -1.08 -4.14 39.07
N GLY B 38 -0.54 -3.67 37.95
CA GLY B 38 0.89 -3.34 37.91
C GLY B 38 1.32 -2.90 36.52
N ILE B 39 2.45 -2.21 36.42
CA ILE B 39 2.95 -1.68 35.15
C ILE B 39 4.42 -2.05 35.01
N ALA B 40 4.83 -2.43 33.80
CA ALA B 40 6.26 -2.66 33.53
C ALA B 40 6.64 -1.94 32.26
N VAL B 41 7.87 -1.42 32.25
CA VAL B 41 8.41 -0.70 31.11
C VAL B 41 9.81 -1.28 30.86
N VAL B 42 10.09 -1.66 29.61
CA VAL B 42 11.43 -2.06 29.20
C VAL B 42 11.84 -1.20 28.01
N ASN B 43 13.01 -0.58 28.13
CA ASN B 43 13.49 0.30 27.09
C ASN B 43 15.03 0.21 27.06
N GLU B 44 15.66 1.03 26.23
CA GLU B 44 17.12 0.96 26.08
C GLU B 44 17.83 1.12 27.43
N HIS B 45 17.24 1.86 28.35
CA HIS B 45 17.89 2.17 29.62
C HIS B 45 17.76 1.13 30.72
N GLY B 46 16.88 0.14 30.53
CA GLY B 46 16.66 -0.87 31.54
C GLY B 46 15.23 -1.37 31.65
N ARG B 47 14.92 -2.04 32.76
CA ARG B 47 13.61 -2.66 32.98
C ARG B 47 13.05 -2.14 34.28
N PHE B 48 11.76 -1.81 34.29
CA PHE B 48 11.17 -1.14 35.45
C PHE B 48 9.80 -1.69 35.76
N PHE B 49 9.51 -1.87 37.05
CA PHE B 49 8.14 -2.14 37.50
C PHE B 49 7.66 -0.95 38.29
N LEU B 50 6.43 -0.53 38.00
CA LEU B 50 5.82 0.61 38.64
C LEU B 50 4.51 0.17 39.27
N ARG B 51 4.23 0.66 40.47
CA ARG B 51 2.91 0.46 41.06
C ARG B 51 1.96 1.47 40.42
N PRO B 52 0.76 1.03 40.04
CA PRO B 52 -0.15 1.91 39.31
C PRO B 52 -0.56 3.13 40.13
N GLU B 53 -0.83 2.93 41.41
CA GLU B 53 -1.34 4.03 42.25
C GLU B 53 -0.37 5.20 42.17
N THR B 54 0.90 4.86 42.08
CA THR B 54 2.00 5.81 41.89
C THR B 54 2.10 6.37 40.47
N ALA B 55 2.30 5.48 39.51
CA ALA B 55 2.56 5.86 38.12
C ALA B 55 1.41 6.62 37.48
N LEU B 56 0.19 6.18 37.72
CA LEU B 56 -0.96 6.71 36.99
C LEU B 56 -1.41 8.07 37.54
N ALA B 57 -0.75 8.50 38.60
CA ALA B 57 -1.00 9.80 39.23
C ALA B 57 0.17 10.74 38.93
N ASP B 58 1.16 10.23 38.21
CA ASP B 58 2.33 11.02 37.91
C ASP B 58 2.18 11.73 36.58
N PRO B 59 2.21 13.08 36.61
CA PRO B 59 1.93 13.89 35.42
C PRO B 59 2.82 13.54 34.24
N GLN B 60 4.10 13.27 34.51
CA GLN B 60 5.02 12.96 33.43
C GLN B 60 4.72 11.60 32.80
N PHE B 61 4.41 10.61 33.62
CA PHE B 61 4.11 9.28 33.12
C PHE B 61 2.81 9.31 32.33
N VAL B 62 1.80 9.96 32.89
CA VAL B 62 0.54 10.17 32.17
C VAL B 62 0.77 10.85 30.82
N ALA B 63 1.63 11.86 30.79
CA ALA B 63 1.89 12.59 29.55
C ALA B 63 2.61 11.72 28.53
N TRP B 64 3.57 10.94 28.99
CA TRP B 64 4.25 9.96 28.14
C TRP B 64 3.22 8.96 27.52
N LEU B 65 2.33 8.42 28.35
CA LEU B 65 1.32 7.47 27.88
C LEU B 65 0.50 8.03 26.74
N GLY B 66 0.12 9.31 26.86
CA GLY B 66 -0.72 9.93 25.85
C GLY B 66 0.01 10.56 24.69
N ASP B 67 1.34 10.49 24.68
CA ASP B 67 2.13 11.11 23.61
C ASP B 67 2.38 10.16 22.44
N GLU B 68 1.80 10.47 21.28
CA GLU B 68 1.83 9.58 20.14
C GLU B 68 3.24 9.43 19.54
N THR B 69 4.15 10.33 19.90
CA THR B 69 5.50 10.25 19.39
C THR B 69 6.39 9.39 20.28
N LYS B 70 5.86 8.95 21.42
CA LYS B 70 6.53 7.99 22.27
C LYS B 70 5.94 6.61 21.98
N LYS B 71 6.72 5.77 21.28
CA LYS B 71 6.19 4.55 20.69
C LYS B 71 6.23 3.40 21.68
N LYS B 72 5.10 2.73 21.83
CA LYS B 72 5.03 1.60 22.72
C LYS B 72 4.80 0.27 21.98
N SER B 73 5.56 -0.75 22.34
CA SER B 73 5.19 -2.10 21.93
C SER B 73 4.49 -2.81 23.09
N MET B 74 3.43 -3.56 22.79
CA MET B 74 2.59 -4.15 23.81
C MET B 74 2.03 -5.51 23.35
N PHE B 75 1.27 -6.14 24.24
CA PHE B 75 0.47 -7.30 23.95
C PHE B 75 -0.97 -6.97 24.36
N ASP B 76 -1.92 -7.09 23.44
CA ASP B 76 -3.33 -6.72 23.70
C ASP B 76 -3.44 -5.26 24.16
N SER B 77 -3.06 -4.35 23.29
CA SER B 77 -3.05 -2.96 23.64
C SER B 77 -4.47 -2.43 23.87
N LYS B 78 -5.47 -3.04 23.23
CA LYS B 78 -6.86 -2.60 23.45
C LYS B 78 -7.28 -2.81 24.89
N ARG B 79 -6.97 -3.97 25.46
CA ARG B 79 -7.24 -4.24 26.89
C ARG B 79 -6.68 -3.09 27.72
N ALA B 80 -5.40 -2.80 27.54
CA ALA B 80 -4.74 -1.71 28.24
C ALA B 80 -5.43 -0.35 28.01
N ALA B 81 -5.72 -0.03 26.76
CA ALA B 81 -6.25 1.28 26.39
C ALA B 81 -7.60 1.53 27.03
N VAL B 82 -8.46 0.52 27.00
CA VAL B 82 -9.78 0.62 27.59
C VAL B 82 -9.69 0.71 29.13
N ALA B 83 -8.88 -0.13 29.74
CA ALA B 83 -8.77 -0.10 31.19
C ALA B 83 -8.28 1.28 31.62
N LEU B 84 -7.38 1.86 30.83
CA LEU B 84 -6.90 3.21 31.09
C LEU B 84 -7.98 4.27 30.83
N LYS B 85 -8.80 4.09 29.78
CA LYS B 85 -9.91 5.04 29.56
C LYS B 85 -10.85 5.11 30.78
N TRP B 86 -11.13 3.97 31.38
CA TRP B 86 -11.92 3.89 32.63
C TRP B 86 -11.27 4.63 33.84
N LYS B 87 -9.97 4.89 33.75
CA LYS B 87 -9.26 5.70 34.76
C LYS B 87 -9.06 7.12 34.27
N GLY B 88 -9.63 7.44 33.11
CA GLY B 88 -9.52 8.77 32.53
C GLY B 88 -8.17 9.09 31.93
N ILE B 89 -7.46 8.06 31.48
CA ILE B 89 -6.11 8.25 30.96
C ILE B 89 -6.07 7.75 29.51
N GLU B 90 -5.51 8.57 28.62
CA GLU B 90 -5.39 8.26 27.21
C GLU B 90 -4.06 7.52 26.91
N LEU B 91 -4.14 6.40 26.21
CA LEU B 91 -2.94 5.70 25.72
C LEU B 91 -2.80 5.94 24.21
N CYS B 92 -1.68 6.52 23.78
CA CYS B 92 -1.37 6.72 22.36
C CYS B 92 0.02 6.16 22.01
N GLY B 93 0.30 6.04 20.73
CA GLY B 93 1.64 5.68 20.27
C GLY B 93 1.95 4.18 20.29
N VAL B 94 0.92 3.34 20.38
CA VAL B 94 1.16 1.91 20.25
C VAL B 94 1.57 1.62 18.82
N SER B 95 2.79 1.11 18.65
CA SER B 95 3.33 0.91 17.30
C SER B 95 3.47 -0.57 17.01
N PHE B 96 3.31 -1.42 18.01
CA PHE B 96 3.42 -2.89 17.83
C PHE B 96 2.57 -3.63 18.86
N ASP B 97 1.69 -4.52 18.39
CA ASP B 97 0.87 -5.33 19.27
C ASP B 97 1.10 -6.82 19.02
N LEU B 98 1.76 -7.46 19.97
CA LEU B 98 2.21 -8.81 19.79
C LEU B 98 1.03 -9.79 19.69
N LEU B 99 -0.08 -9.46 20.35
CA LEU B 99 -1.24 -10.35 20.24
C LEU B 99 -1.73 -10.40 18.77
N LEU B 100 -1.88 -9.22 18.20
CA LEU B 100 -2.33 -9.11 16.82
C LEU B 100 -1.33 -9.69 15.82
N ALA B 101 -0.03 -9.49 16.08
CA ALA B 101 1.03 -10.03 15.24
C ALA B 101 0.97 -11.53 15.21
N ALA B 102 0.80 -12.16 16.38
CA ALA B 102 0.73 -13.60 16.43
C ALA B 102 -0.55 -14.11 15.77
N TYR B 103 -1.63 -13.37 15.97
CA TYR B 103 -2.90 -13.76 15.37
C TYR B 103 -2.84 -13.83 13.86
N LEU B 104 -2.23 -12.83 13.22
CA LEU B 104 -2.09 -12.78 11.77
C LEU B 104 -1.18 -13.88 11.25
N LEU B 105 -0.10 -14.13 11.98
CA LEU B 105 0.83 -15.21 11.57
C LEU B 105 0.20 -16.58 11.53
N ASP B 106 -0.65 -16.88 12.51
CA ASP B 106 -1.38 -18.15 12.51
C ASP B 106 -2.54 -18.07 13.49
N PRO B 107 -3.74 -17.83 12.98
CA PRO B 107 -4.90 -17.74 13.82
C PRO B 107 -5.24 -19.03 14.54
N ALA B 108 -4.82 -20.16 13.98
CA ALA B 108 -5.15 -21.44 14.60
C ALA B 108 -4.36 -21.74 15.88
N GLN B 109 -3.28 -21.02 16.13
CA GLN B 109 -2.51 -21.20 17.37
C GLN B 109 -3.29 -20.78 18.64
N GLY B 110 -4.32 -19.96 18.49
CA GLY B 110 -5.12 -19.53 19.65
C GLY B 110 -4.31 -18.79 20.71
N VAL B 111 -3.23 -18.14 20.30
CA VAL B 111 -2.44 -17.36 21.23
C VAL B 111 -3.31 -16.40 22.02
N ASP B 112 -3.25 -16.47 23.34
CA ASP B 112 -3.96 -15.52 24.15
C ASP B 112 -3.15 -15.05 25.40
N ASP B 113 -1.85 -15.34 25.38
CA ASP B 113 -0.93 -14.72 26.32
C ASP B 113 0.47 -14.55 25.72
N VAL B 114 1.26 -13.71 26.36
CA VAL B 114 2.60 -13.43 25.85
C VAL B 114 3.42 -14.73 25.71
N ALA B 115 3.37 -15.62 26.71
CA ALA B 115 4.16 -16.86 26.62
C ALA B 115 3.82 -17.66 25.35
N ALA B 116 2.53 -17.73 24.99
CA ALA B 116 2.16 -18.49 23.79
C ALA B 116 2.68 -17.81 22.54
N ALA B 117 2.64 -16.48 22.49
CA ALA B 117 3.13 -15.81 21.31
C ALA B 117 4.64 -16.00 21.22
N ALA B 118 5.32 -15.94 22.37
CA ALA B 118 6.78 -16.03 22.40
C ALA B 118 7.25 -17.41 21.95
N LYS B 119 6.50 -18.43 22.34
CA LYS B 119 6.87 -19.79 22.01
C LYS B 119 6.95 -19.98 20.50
N MET B 120 6.17 -19.20 19.75
CA MET B 120 6.18 -19.25 18.30
C MET B 120 7.54 -18.92 17.70
N LYS B 121 8.35 -18.16 18.44
CA LYS B 121 9.64 -17.73 17.97
C LYS B 121 10.75 -18.22 18.89
N GLN B 122 10.51 -19.34 19.54
CA GLN B 122 11.50 -20.02 20.39
C GLN B 122 11.94 -19.18 21.58
N TYR B 123 11.05 -18.32 22.11
CA TYR B 123 11.38 -17.47 23.25
C TYR B 123 10.55 -18.00 24.40
N GLU B 124 11.23 -18.38 25.48
CA GLU B 124 10.58 -19.07 26.59
C GLU B 124 10.98 -18.54 27.95
N ALA B 125 11.58 -17.36 28.02
CA ALA B 125 11.97 -16.77 29.33
C ALA B 125 10.81 -15.92 29.91
N VAL B 126 9.62 -16.51 29.94
CA VAL B 126 8.42 -15.87 30.45
C VAL B 126 7.43 -17.00 30.77
N ARG B 127 6.61 -16.84 31.80
CA ARG B 127 5.63 -17.85 32.16
C ARG B 127 4.28 -17.60 31.50
N PRO B 128 3.49 -18.68 31.31
CA PRO B 128 2.10 -18.49 30.93
C PRO B 128 1.33 -17.79 32.05
N ASP B 129 0.40 -16.93 31.66
CA ASP B 129 -0.37 -16.17 32.62
C ASP B 129 -1.07 -17.09 33.60
N GLU B 130 -1.64 -18.16 33.08
CA GLU B 130 -2.37 -19.11 33.91
C GLU B 130 -1.45 -19.75 34.98
N ALA B 131 -0.18 -19.95 34.65
CA ALA B 131 0.77 -20.45 35.65
C ALA B 131 0.98 -19.46 36.79
N VAL B 132 0.90 -18.17 36.47
CA VAL B 132 1.15 -17.13 37.45
C VAL B 132 -0.12 -16.77 38.21
N TYR B 133 -1.26 -16.69 37.52
CA TYR B 133 -2.48 -16.29 38.18
C TYR B 133 -3.38 -17.41 38.70
N GLY B 134 -3.26 -18.60 38.10
CA GLY B 134 -4.11 -19.72 38.47
C GLY B 134 -5.39 -19.63 37.67
N LYS B 135 -6.31 -20.56 37.93
CA LYS B 135 -7.50 -20.69 37.08
C LYS B 135 -8.78 -20.90 37.89
N GLY B 136 -9.89 -20.52 37.28
CA GLY B 136 -11.20 -20.61 37.90
C GLY B 136 -11.22 -19.99 39.28
N ALA B 137 -11.76 -20.72 40.24
CA ALA B 137 -11.96 -20.19 41.58
C ALA B 137 -10.63 -19.92 42.28
N LYS B 138 -9.53 -20.43 41.73
CA LYS B 138 -8.21 -20.24 42.33
C LYS B 138 -7.47 -19.00 41.82
N ARG B 139 -8.04 -18.34 40.81
CA ARG B 139 -7.38 -17.20 40.20
C ARG B 139 -7.06 -16.19 41.29
N ALA B 140 -5.87 -15.58 41.22
CA ALA B 140 -5.47 -14.56 42.20
C ALA B 140 -4.25 -13.78 41.73
N VAL B 141 -4.21 -12.48 42.02
CA VAL B 141 -3.00 -11.71 41.80
C VAL B 141 -1.94 -12.14 42.81
N PRO B 142 -0.72 -12.47 42.34
CA PRO B 142 0.26 -12.90 43.33
C PRO B 142 0.96 -11.76 44.06
N ASP B 143 1.79 -12.13 45.02
CA ASP B 143 2.62 -11.19 45.76
C ASP B 143 3.41 -10.27 44.83
N GLU B 144 3.64 -9.05 45.27
CA GLU B 144 4.32 -8.07 44.42
C GLU B 144 5.59 -8.59 43.75
N PRO B 145 6.51 -9.21 44.50
CA PRO B 145 7.73 -9.58 43.78
C PRO B 145 7.47 -10.62 42.67
N VAL B 146 6.48 -11.48 42.87
CA VAL B 146 6.17 -12.48 41.87
C VAL B 146 5.48 -11.82 40.69
N LEU B 147 4.57 -10.89 40.99
CA LEU B 147 3.86 -10.12 39.97
C LEU B 147 4.81 -9.25 39.16
N ALA B 148 5.70 -8.54 39.85
CA ALA B 148 6.64 -7.66 39.19
C ALA B 148 7.52 -8.45 38.23
N GLU B 149 8.06 -9.58 38.68
CA GLU B 149 8.94 -10.33 37.78
C GLU B 149 8.17 -10.74 36.55
N HIS B 150 6.94 -11.19 36.74
CA HIS B 150 6.14 -11.64 35.61
C HIS B 150 5.86 -10.53 34.62
N LEU B 151 5.46 -9.35 35.08
CA LEU B 151 5.18 -8.25 34.14
C LEU B 151 6.44 -7.78 33.41
N VAL B 152 7.55 -7.71 34.14
CA VAL B 152 8.81 -7.32 33.52
C VAL B 152 9.24 -8.35 32.45
N ARG B 153 9.11 -9.63 32.76
CA ARG B 153 9.44 -10.68 31.77
C ARG B 153 8.54 -10.61 30.54
N LYS B 154 7.27 -10.31 30.75
CA LYS B 154 6.42 -10.08 29.58
C LYS B 154 6.88 -8.86 28.76
N ALA B 155 7.15 -7.72 29.42
CA ALA B 155 7.67 -6.57 28.69
C ALA B 155 9.00 -6.92 28.00
N ALA B 156 9.86 -7.68 28.66
CA ALA B 156 11.16 -7.99 28.05
C ALA B 156 10.91 -8.83 26.80
N ALA B 157 9.96 -9.75 26.90
CA ALA B 157 9.60 -10.59 25.77
C ALA B 157 9.11 -9.78 24.58
N ILE B 158 8.17 -8.87 24.83
CA ILE B 158 7.70 -7.98 23.77
C ILE B 158 8.86 -7.20 23.11
N TRP B 159 9.74 -6.63 23.92
CA TRP B 159 10.90 -5.89 23.45
C TRP B 159 11.73 -6.71 22.47
N GLU B 160 12.01 -7.94 22.84
CA GLU B 160 12.81 -8.82 21.99
C GLU B 160 12.07 -9.43 20.78
N LEU B 161 10.75 -9.53 20.85
CA LEU B 161 10.05 -10.23 19.80
C LEU B 161 9.51 -9.33 18.69
N GLU B 162 9.47 -8.02 18.93
CA GLU B 162 8.95 -7.13 17.90
C GLU B 162 9.62 -7.35 16.53
N ARG B 163 10.96 -7.26 16.48
CA ARG B 163 11.66 -7.36 15.20
C ARG B 163 11.45 -8.72 14.49
N PRO B 164 11.63 -9.85 15.18
CA PRO B 164 11.40 -11.07 14.41
C PRO B 164 9.92 -11.32 13.98
N PHE B 165 8.96 -10.83 14.76
CA PHE B 165 7.56 -10.92 14.26
C PHE B 165 7.37 -10.02 13.03
N LEU B 166 7.91 -8.81 13.08
CA LEU B 166 7.76 -7.89 11.96
C LEU B 166 8.44 -8.46 10.73
N ASP B 167 9.56 -9.16 10.95
CA ASP B 167 10.31 -9.77 9.86
C ASP B 167 9.53 -10.90 9.21
N GLU B 168 8.94 -11.79 10.00
CA GLU B 168 8.10 -12.84 9.43
C GLU B 168 6.80 -12.30 8.81
N LEU B 169 6.23 -11.25 9.40
CA LEU B 169 5.08 -10.60 8.79
C LEU B 169 5.46 -10.08 7.40
N ARG B 170 6.63 -9.45 7.30
CA ARG B 170 7.05 -8.90 6.03
C ARG B 170 7.15 -9.98 4.94
N ARG B 171 7.78 -11.11 5.27
CA ARG B 171 7.87 -12.27 4.39
C ARG B 171 6.49 -12.76 3.88
N ASN B 172 5.50 -12.77 4.78
CA ASN B 172 4.14 -13.17 4.46
C ASN B 172 3.29 -12.13 3.76
N GLU B 173 3.82 -10.93 3.52
CA GLU B 173 3.05 -9.80 2.97
C GLU B 173 1.94 -9.36 3.96
N GLN B 174 2.23 -9.49 5.25
CA GLN B 174 1.29 -9.11 6.29
C GLN B 174 1.69 -7.93 7.16
N ASP B 175 2.79 -7.25 6.86
CA ASP B 175 3.19 -6.13 7.72
C ASP B 175 2.28 -4.91 7.64
N ARG B 176 1.76 -4.61 6.46
CA ARG B 176 0.80 -3.52 6.36
C ARG B 176 -0.53 -3.95 6.92
N LEU B 177 -0.82 -5.24 6.84
CA LEU B 177 -2.04 -5.78 7.43
C LEU B 177 -1.98 -5.54 8.95
N LEU B 178 -0.84 -5.77 9.58
CA LEU B 178 -0.73 -5.48 11.01
C LEU B 178 -0.78 -3.98 11.28
N VAL B 179 0.12 -3.24 10.65
CA VAL B 179 0.34 -1.85 11.01
C VAL B 179 -0.64 -0.86 10.41
N GLU B 180 -1.20 -1.16 9.24
CA GLU B 180 -2.15 -0.20 8.66
C GLU B 180 -3.61 -0.63 8.79
N LEU B 181 -3.86 -1.86 9.22
CA LEU B 181 -5.25 -2.30 9.40
C LEU B 181 -5.55 -2.69 10.86
N GLU B 182 -4.98 -3.78 11.34
CA GLU B 182 -5.37 -4.30 12.66
C GLU B 182 -5.03 -3.37 13.83
N GLN B 183 -3.81 -2.81 13.84
CA GLN B 183 -3.47 -1.88 14.95
C GLN B 183 -4.33 -0.60 15.00
N PRO B 184 -4.47 0.09 13.86
CA PRO B 184 -5.40 1.23 13.85
C PRO B 184 -6.81 0.80 14.24
N LEU B 185 -7.23 -0.38 13.81
CA LEU B 185 -8.59 -0.82 14.16
C LEU B 185 -8.72 -1.08 15.65
N SER B 186 -7.67 -1.59 16.27
CA SER B 186 -7.70 -1.83 17.72
C SER B 186 -8.05 -0.54 18.53
N SER B 187 -7.45 0.57 18.13
CA SER B 187 -7.78 1.86 18.75
C SER B 187 -9.24 2.27 18.55
N ILE B 188 -9.78 2.06 17.34
CA ILE B 188 -11.18 2.34 17.04
C ILE B 188 -12.11 1.44 17.87
N LEU B 189 -11.79 0.14 17.97
CA LEU B 189 -12.60 -0.75 18.77
C LEU B 189 -12.55 -0.37 20.26
N ALA B 190 -11.38 0.07 20.73
CA ALA B 190 -11.26 0.50 22.11
C ALA B 190 -12.22 1.66 22.39
N GLU B 191 -12.28 2.60 21.46
CA GLU B 191 -13.20 3.71 21.65
C GLU B 191 -14.66 3.26 21.64
N MET B 192 -15.02 2.38 20.71
CA MET B 192 -16.38 1.85 20.64
C MET B 192 -16.81 1.16 21.95
N GLU B 193 -15.94 0.28 22.45
CA GLU B 193 -16.26 -0.50 23.63
C GLU B 193 -16.41 0.44 24.82
N PHE B 194 -15.48 1.38 24.95
CA PHE B 194 -15.56 2.36 26.07
C PHE B 194 -16.81 3.23 25.97
N ALA B 195 -17.16 3.65 24.76
CA ALA B 195 -18.37 4.49 24.62
C ALA B 195 -19.58 3.68 25.07
N GLY B 196 -19.67 2.42 24.63
CA GLY B 196 -20.80 1.60 25.01
C GLY B 196 -22.07 1.96 24.24
N VAL B 197 -23.13 1.20 24.49
CA VAL B 197 -24.42 1.46 23.88
C VAL B 197 -25.45 1.60 24.98
N LYS B 198 -26.24 2.68 24.93
CA LYS B 198 -27.29 2.90 25.90
C LYS B 198 -28.51 1.98 25.70
N VAL B 199 -29.03 1.49 26.80
CA VAL B 199 -30.16 0.58 26.81
C VAL B 199 -31.34 1.17 27.60
N ASP B 200 -32.53 1.04 27.03
CA ASP B 200 -33.75 1.47 27.72
C ASP B 200 -34.21 0.30 28.59
N THR B 201 -33.73 0.26 29.82
CA THR B 201 -33.99 -0.90 30.68
C THR B 201 -35.47 -1.02 31.07
N LYS B 202 -36.16 0.10 31.14
CA LYS B 202 -37.58 0.02 31.48
C LYS B 202 -38.36 -0.69 30.40
N ARG B 203 -38.07 -0.36 29.15
CA ARG B 203 -38.70 -1.06 28.03
C ARG B 203 -38.36 -2.55 28.06
N LEU B 204 -37.12 -2.86 28.42
CA LEU B 204 -36.68 -4.26 28.49
C LEU B 204 -37.38 -4.97 29.67
N GLU B 205 -37.37 -4.33 30.85
CA GLU B 205 -38.05 -4.88 32.02
C GLU B 205 -39.53 -5.17 31.72
N GLN B 206 -40.12 -4.35 30.85
CA GLN B 206 -41.52 -4.53 30.50
C GLN B 206 -41.72 -5.69 29.55
N MET B 207 -40.90 -5.77 28.52
CA MET B 207 -40.91 -6.94 27.65
C MET B 207 -40.73 -8.20 28.49
N GLY B 208 -39.86 -8.12 29.49
CA GLY B 208 -39.60 -9.26 30.37
C GLY B 208 -40.84 -9.72 31.13
N LYS B 209 -41.61 -8.76 31.64
CA LYS B 209 -42.84 -9.09 32.37
C LYS B 209 -43.81 -9.76 31.41
N GLU B 210 -44.06 -9.10 30.29
CA GLU B 210 -44.95 -9.62 29.25
C GLU B 210 -44.53 -10.99 28.73
N LEU B 211 -43.26 -11.08 28.35
CA LEU B 211 -42.73 -12.30 27.80
C LEU B 211 -42.95 -13.46 28.76
N ALA B 212 -42.78 -13.22 30.05
CA ALA B 212 -42.88 -14.29 31.03
C ALA B 212 -44.30 -14.83 31.07
N GLU B 213 -45.25 -13.97 30.78
CA GLU B 213 -46.64 -14.39 30.78
C GLU B 213 -47.01 -15.08 29.47
N GLN B 214 -46.43 -14.63 28.36
CA GLN B 214 -46.61 -15.34 27.09
C GLN B 214 -45.90 -16.71 27.08
N LEU B 215 -44.88 -16.83 27.91
CA LEU B 215 -44.15 -18.08 28.06
C LEU B 215 -45.01 -19.10 28.81
N GLY B 216 -45.66 -18.63 29.87
CA GLY B 216 -46.60 -19.45 30.63
C GLY B 216 -47.70 -20.07 29.76
N THR B 217 -48.30 -19.26 28.90
CA THR B 217 -49.45 -19.75 28.15
C THR B 217 -49.04 -20.75 27.07
N VAL B 218 -47.89 -20.52 26.43
CA VAL B 218 -47.39 -21.47 25.46
C VAL B 218 -46.94 -22.75 26.14
N GLU B 219 -46.43 -22.61 27.36
CA GLU B 219 -45.93 -23.76 28.11
C GLU B 219 -47.09 -24.67 28.48
N GLN B 220 -48.14 -24.07 29.03
CA GLN B 220 -49.30 -24.84 29.45
C GLN B 220 -49.90 -25.57 28.27
N ARG B 221 -49.92 -24.88 27.13
CA ARG B 221 -50.43 -25.44 25.89
C ARG B 221 -49.66 -26.70 25.51
N ILE B 222 -48.35 -26.62 25.62
CA ILE B 222 -47.48 -27.73 25.27
C ILE B 222 -47.73 -28.94 26.19
N TYR B 223 -47.82 -28.67 27.49
CA TYR B 223 -48.13 -29.71 28.47
C TYR B 223 -49.46 -30.39 28.13
N GLU B 224 -50.46 -29.62 27.71
CA GLU B 224 -51.76 -30.18 27.35
C GLU B 224 -51.63 -31.09 26.15
N LEU B 225 -50.96 -30.61 25.10
CA LEU B 225 -50.79 -31.38 23.87
C LEU B 225 -49.99 -32.64 24.12
N ALA B 226 -49.09 -32.60 25.11
CA ALA B 226 -48.24 -33.75 25.43
C ALA B 226 -48.94 -34.72 26.37
N GLY B 227 -49.99 -34.25 27.03
CA GLY B 227 -50.69 -35.04 28.05
C GLY B 227 -49.81 -35.14 29.28
N GLN B 228 -48.81 -34.29 29.37
CA GLN B 228 -47.86 -34.39 30.47
C GLN B 228 -47.03 -33.12 30.65
N GLU B 229 -46.61 -32.86 31.88
CA GLU B 229 -45.63 -31.80 32.16
C GLU B 229 -44.24 -32.40 32.08
N PHE B 230 -43.29 -31.60 31.59
CA PHE B 230 -41.90 -32.02 31.46
C PHE B 230 -41.06 -30.76 31.19
N ASN B 231 -39.75 -30.89 31.29
CA ASN B 231 -38.84 -29.76 31.00
C ASN B 231 -38.62 -29.58 29.50
N ILE B 232 -39.34 -28.64 28.89
CA ILE B 232 -39.23 -28.42 27.45
C ILE B 232 -37.80 -28.03 27.04
N ASN B 233 -37.10 -27.35 27.94
CA ASN B 233 -35.75 -26.89 27.67
C ASN B 233 -34.74 -28.01 27.84
N SER B 234 -35.24 -29.23 27.96
CA SER B 234 -34.35 -30.39 28.05
C SER B 234 -34.46 -31.27 26.81
N PRO B 235 -33.50 -31.16 25.89
CA PRO B 235 -33.68 -32.02 24.71
C PRO B 235 -33.85 -33.50 25.08
N LYS B 236 -33.16 -33.92 26.13
CA LYS B 236 -33.31 -35.27 26.67
C LYS B 236 -34.74 -35.63 27.04
N GLN B 237 -35.35 -34.89 27.95
CA GLN B 237 -36.76 -35.09 28.30
C GLN B 237 -37.73 -34.90 27.11
N LEU B 238 -37.49 -33.85 26.35
CA LEU B 238 -38.27 -33.58 25.15
C LEU B 238 -38.21 -34.74 24.16
N GLY B 239 -37.04 -35.34 24.01
CA GLY B 239 -36.86 -36.50 23.13
C GLY B 239 -37.75 -37.66 23.53
N VAL B 240 -37.83 -37.91 24.84
CA VAL B 240 -38.66 -38.99 25.32
C VAL B 240 -40.11 -38.71 24.96
N ILE B 241 -40.57 -37.50 25.22
CA ILE B 241 -41.92 -37.12 24.86
C ILE B 241 -42.24 -37.31 23.37
N LEU B 242 -41.39 -36.72 22.50
CA LEU B 242 -41.66 -36.74 21.05
C LEU B 242 -41.59 -38.13 20.44
N PHE B 243 -40.54 -38.88 20.77
CA PHE B 243 -40.19 -40.07 20.05
C PHE B 243 -40.48 -41.36 20.79
N GLU B 244 -40.75 -41.26 22.08
CA GLU B 244 -41.20 -42.43 22.81
C GLU B 244 -42.69 -42.36 23.15
N LYS B 245 -43.09 -41.35 23.91
CA LYS B 245 -44.49 -41.18 24.25
C LYS B 245 -45.37 -40.91 23.03
N LEU B 246 -44.99 -39.90 22.23
CA LEU B 246 -45.83 -39.47 21.12
C LEU B 246 -45.56 -40.31 19.88
N GLN B 247 -44.51 -41.11 19.91
CA GLN B 247 -44.19 -41.99 18.79
C GLN B 247 -43.95 -41.29 17.45
N LEU B 248 -43.41 -40.07 17.45
CA LEU B 248 -43.07 -39.38 16.18
C LEU B 248 -41.88 -40.05 15.50
N PRO B 249 -41.81 -39.97 14.16
CA PRO B 249 -40.68 -40.58 13.46
C PRO B 249 -39.34 -39.98 13.93
N VAL B 250 -38.32 -40.82 14.08
CA VAL B 250 -36.96 -40.39 14.39
C VAL B 250 -36.21 -40.10 13.09
N LEU B 251 -36.00 -38.82 12.80
CA LEU B 251 -35.31 -38.45 11.57
C LEU B 251 -33.80 -38.40 11.75
N LYS B 252 -33.33 -38.26 12.99
CA LYS B 252 -31.90 -38.01 13.23
C LYS B 252 -31.50 -38.27 14.69
N LYS B 253 -30.35 -38.91 14.87
CA LYS B 253 -29.79 -39.16 16.19
C LYS B 253 -28.40 -38.57 16.28
N THR B 254 -28.02 -38.12 17.47
CA THR B 254 -26.67 -37.66 17.71
C THR B 254 -26.04 -38.57 18.75
N LYS B 255 -24.80 -38.29 19.13
CA LYS B 255 -24.11 -39.15 20.08
C LYS B 255 -24.82 -39.26 21.44
N THR B 256 -25.57 -38.23 21.83
CA THR B 256 -26.27 -38.29 23.10
C THR B 256 -27.70 -38.84 22.98
N GLY B 257 -28.25 -38.87 21.77
CA GLY B 257 -29.63 -39.34 21.63
C GLY B 257 -30.37 -38.80 20.42
N TYR B 258 -31.69 -38.70 20.53
CA TYR B 258 -32.53 -38.18 19.43
C TYR B 258 -32.31 -36.70 19.23
N SER B 259 -32.14 -36.28 17.98
CA SER B 259 -32.09 -34.87 17.69
C SER B 259 -33.48 -34.24 17.88
N THR B 260 -33.52 -33.06 18.50
CA THR B 260 -34.73 -32.24 18.53
C THR B 260 -34.43 -30.85 17.92
N SER B 261 -33.51 -30.82 16.97
CA SER B 261 -33.11 -29.57 16.33
C SER B 261 -34.29 -28.87 15.64
N ALA B 262 -34.21 -27.56 15.49
CA ALA B 262 -35.24 -26.82 14.77
C ALA B 262 -35.53 -27.45 13.41
N ASP B 263 -34.49 -27.86 12.68
CA ASP B 263 -34.65 -28.51 11.38
C ASP B 263 -35.51 -29.77 11.44
N VAL B 264 -35.16 -30.65 12.38
CA VAL B 264 -35.92 -31.86 12.62
C VAL B 264 -37.36 -31.55 13.00
N LEU B 265 -37.57 -30.70 14.00
CA LEU B 265 -38.94 -30.42 14.42
C LEU B 265 -39.79 -29.80 13.29
N GLU B 266 -39.21 -28.88 12.52
CA GLU B 266 -39.93 -28.31 11.37
C GLU B 266 -40.44 -29.42 10.43
N LYS B 267 -39.65 -30.46 10.24
CA LYS B 267 -40.06 -31.54 9.37
C LYS B 267 -41.19 -32.39 9.98
N LEU B 268 -41.32 -32.37 11.30
CA LEU B 268 -42.34 -33.16 11.99
C LEU B 268 -43.64 -32.41 12.15
N ALA B 269 -43.72 -31.21 11.61
CA ALA B 269 -44.92 -30.39 11.80
C ALA B 269 -46.17 -31.04 11.18
N PRO B 270 -46.01 -31.79 10.07
CA PRO B 270 -47.20 -32.48 9.52
C PRO B 270 -47.78 -33.54 10.46
N TYR B 271 -47.04 -33.95 11.49
CA TYR B 271 -47.43 -35.10 12.32
C TYR B 271 -48.11 -34.73 13.62
N HIS B 272 -47.71 -33.60 14.21
CA HIS B 272 -48.22 -33.23 15.51
C HIS B 272 -48.09 -31.76 15.73
N GLU B 273 -49.17 -31.18 16.24
CA GLU B 273 -49.29 -29.76 16.48
C GLU B 273 -48.28 -29.27 17.51
N ILE B 274 -47.79 -30.19 18.32
CA ILE B 274 -46.95 -29.83 19.45
C ILE B 274 -45.60 -29.27 18.99
N VAL B 275 -45.15 -29.71 17.83
CA VAL B 275 -43.81 -29.39 17.38
C VAL B 275 -43.68 -27.89 17.07
N GLU B 276 -44.73 -27.30 16.52
CA GLU B 276 -44.67 -25.87 16.31
C GLU B 276 -44.67 -25.11 17.63
N ASN B 277 -45.42 -25.60 18.61
CA ASN B 277 -45.47 -24.88 19.88
C ASN B 277 -44.12 -24.96 20.56
N ILE B 278 -43.45 -26.10 20.41
CA ILE B 278 -42.14 -26.27 21.03
C ILE B 278 -41.14 -25.27 20.41
N LEU B 279 -41.16 -25.15 19.09
CA LEU B 279 -40.29 -24.19 18.42
C LEU B 279 -40.53 -22.78 18.96
N HIS B 280 -41.81 -22.39 19.04
CA HIS B 280 -42.16 -21.06 19.53
C HIS B 280 -41.67 -20.87 20.96
N TYR B 281 -41.96 -21.84 21.82
CA TYR B 281 -41.55 -21.77 23.19
C TYR B 281 -40.04 -21.56 23.31
N ARG B 282 -39.23 -22.30 22.56
CA ARG B 282 -37.76 -22.19 22.70
C ARG B 282 -37.23 -20.86 22.17
N GLN B 283 -37.88 -20.34 21.14
CA GLN B 283 -37.55 -19.01 20.62
C GLN B 283 -37.83 -18.01 21.73
N LEU B 284 -39.00 -18.09 22.34
CA LEU B 284 -39.34 -17.07 23.33
C LEU B 284 -38.48 -17.23 24.55
N GLY B 285 -38.17 -18.47 24.90
CA GLY B 285 -37.37 -18.77 26.08
C GLY B 285 -35.99 -18.14 25.98
N LYS B 286 -35.44 -18.19 24.77
CA LYS B 286 -34.14 -17.59 24.43
C LYS B 286 -34.19 -16.07 24.54
N LEU B 287 -35.27 -15.46 24.04
CA LEU B 287 -35.40 -14.02 24.23
C LEU B 287 -35.36 -13.67 25.70
N GLN B 288 -36.12 -14.40 26.52
CA GLN B 288 -36.16 -14.10 27.95
C GLN B 288 -34.83 -14.33 28.66
N SER B 289 -34.24 -15.50 28.47
CA SER B 289 -33.01 -15.84 29.20
C SER B 289 -31.84 -14.99 28.77
N THR B 290 -31.74 -14.68 27.49
CA THR B 290 -30.54 -14.04 26.96
C THR B 290 -30.66 -12.56 26.68
N TYR B 291 -31.72 -12.15 25.98
CA TYR B 291 -31.82 -10.77 25.55
C TYR B 291 -32.61 -9.87 26.48
N ILE B 292 -33.32 -10.46 27.43
CA ILE B 292 -33.93 -9.68 28.51
C ILE B 292 -33.10 -9.81 29.79
N GLU B 293 -33.12 -10.99 30.40
CA GLU B 293 -32.40 -11.22 31.66
C GLU B 293 -30.88 -11.07 31.52
N GLY B 294 -30.30 -11.70 30.50
CA GLY B 294 -28.86 -11.65 30.29
C GLY B 294 -28.35 -10.26 30.04
N LEU B 295 -29.12 -9.46 29.30
CA LEU B 295 -28.72 -8.11 28.99
C LEU B 295 -28.84 -7.18 30.20
N LEU B 296 -30.00 -7.21 30.86
CA LEU B 296 -30.22 -6.44 32.08
C LEU B 296 -29.12 -6.69 33.09
N LYS B 297 -28.62 -7.92 33.12
CA LYS B 297 -27.54 -8.28 34.03
C LYS B 297 -26.25 -7.52 33.77
N VAL B 298 -25.98 -7.15 32.52
CA VAL B 298 -24.70 -6.52 32.23
C VAL B 298 -24.79 -5.01 31.98
N VAL B 299 -26.00 -4.47 32.01
CA VAL B 299 -26.15 -3.03 31.92
C VAL B 299 -25.56 -2.35 33.14
N ARG B 300 -24.74 -1.33 32.94
CA ARG B 300 -24.23 -0.53 34.05
C ARG B 300 -25.33 0.38 34.55
N PRO B 301 -25.70 0.24 35.83
CA PRO B 301 -26.94 0.83 36.26
C PRO B 301 -27.02 2.36 36.23
N ALA B 302 -25.91 3.05 36.44
CA ALA B 302 -25.96 4.51 36.50
C ALA B 302 -26.01 5.17 35.12
N THR B 303 -25.37 4.55 34.13
CA THR B 303 -25.30 5.17 32.81
C THR B 303 -26.26 4.46 31.87
N LYS B 304 -26.76 3.30 32.30
CA LYS B 304 -27.60 2.43 31.46
C LYS B 304 -26.87 1.97 30.19
N LYS B 305 -25.56 1.89 30.26
CA LYS B 305 -24.85 1.45 29.07
C LYS B 305 -24.40 0.01 29.16
N VAL B 306 -24.28 -0.66 28.00
CA VAL B 306 -23.63 -1.98 27.96
C VAL B 306 -22.33 -1.84 27.17
N HIS B 307 -21.29 -2.50 27.65
CA HIS B 307 -19.98 -2.32 27.06
C HIS B 307 -19.48 -3.68 26.65
N THR B 308 -19.67 -4.04 25.39
CA THR B 308 -19.18 -5.30 24.87
C THR B 308 -17.65 -5.30 24.77
N ILE B 309 -17.11 -6.49 24.52
CA ILE B 309 -15.71 -6.63 24.16
C ILE B 309 -15.62 -7.30 22.81
N PHE B 310 -14.95 -6.63 21.87
CA PHE B 310 -14.78 -7.16 20.55
C PHE B 310 -13.48 -7.93 20.58
N ASN B 311 -13.54 -9.26 20.42
CA ASN B 311 -12.30 -10.04 20.35
C ASN B 311 -11.78 -9.98 18.92
N GLN B 312 -10.64 -9.33 18.74
CA GLN B 312 -10.05 -9.07 17.43
C GLN B 312 -9.06 -10.17 17.04
N ALA B 313 -8.77 -11.08 17.97
CA ALA B 313 -7.77 -12.11 17.68
C ALA B 313 -8.30 -13.50 17.97
N LEU B 314 -9.50 -13.80 17.49
CA LEU B 314 -10.12 -15.09 17.80
C LEU B 314 -10.51 -15.89 16.55
N THR B 315 -11.24 -15.26 15.61
CA THR B 315 -11.84 -16.06 14.56
C THR B 315 -10.82 -16.49 13.52
N GLN B 316 -11.11 -17.62 12.90
CA GLN B 316 -10.17 -18.21 11.95
C GLN B 316 -10.19 -17.49 10.61
N THR B 317 -11.16 -16.61 10.39
CA THR B 317 -11.26 -15.98 9.09
C THR B 317 -10.95 -14.49 9.11
N GLY B 318 -10.73 -13.92 10.29
CA GLY B 318 -10.43 -12.50 10.36
C GLY B 318 -11.63 -11.64 10.76
N ARG B 319 -12.81 -12.24 10.92
CA ARG B 319 -13.97 -11.53 11.55
C ARG B 319 -13.68 -11.18 12.99
N LEU B 320 -14.41 -10.20 13.53
CA LEU B 320 -14.42 -9.95 14.97
C LEU B 320 -15.42 -10.93 15.58
N SER B 321 -15.35 -11.09 16.89
CA SER B 321 -16.50 -11.61 17.61
C SER B 321 -16.77 -10.65 18.77
N SER B 322 -17.88 -10.86 19.46
CA SER B 322 -18.33 -9.92 20.45
C SER B 322 -18.82 -10.71 21.64
N THR B 323 -18.43 -10.27 22.84
CA THR B 323 -18.74 -11.01 24.05
C THR B 323 -19.14 -10.12 25.19
N GLU B 324 -19.99 -10.69 26.06
CA GLU B 324 -20.28 -10.17 27.39
C GLU B 324 -20.78 -8.73 27.41
N PRO B 325 -21.91 -8.45 26.75
CA PRO B 325 -22.75 -9.34 25.97
C PRO B 325 -22.29 -9.39 24.52
N ASN B 326 -22.70 -10.42 23.79
CA ASN B 326 -22.55 -10.44 22.35
C ASN B 326 -23.59 -9.45 21.78
N LEU B 327 -23.14 -8.42 21.07
CA LEU B 327 -24.06 -7.45 20.46
C LEU B 327 -24.10 -7.63 18.93
N GLN B 328 -23.49 -8.71 18.46
CA GLN B 328 -23.53 -9.14 17.06
C GLN B 328 -24.62 -10.19 16.77
N ASN B 329 -25.38 -10.60 17.79
CA ASN B 329 -26.48 -11.54 17.56
C ASN B 329 -27.81 -11.15 18.21
N ILE B 330 -28.09 -9.85 18.25
CA ILE B 330 -29.37 -9.35 18.76
C ILE B 330 -30.46 -9.64 17.71
N PRO B 331 -31.61 -10.19 18.14
CA PRO B 331 -32.66 -10.66 17.24
C PRO B 331 -33.09 -9.61 16.21
N ILE B 332 -33.44 -10.10 15.02
CA ILE B 332 -33.96 -9.27 13.94
C ILE B 332 -34.90 -10.09 13.00
N ARG B 333 -34.76 -11.40 12.99
CA ARG B 333 -35.41 -12.18 11.94
C ARG B 333 -36.90 -12.35 12.15
N LEU B 334 -37.34 -12.42 13.40
CA LEU B 334 -38.74 -12.62 13.70
C LEU B 334 -39.20 -11.36 14.41
N GLU B 335 -40.41 -10.90 14.12
CA GLU B 335 -40.85 -9.63 14.69
C GLU B 335 -40.83 -9.60 16.23
N GLU B 336 -41.23 -10.69 16.87
CA GLU B 336 -41.17 -10.74 18.34
C GLU B 336 -39.77 -10.42 18.91
N GLY B 337 -38.72 -10.98 18.29
CA GLY B 337 -37.36 -10.79 18.78
C GLY B 337 -36.91 -9.42 18.34
N ARG B 338 -37.32 -9.03 17.16
CA ARG B 338 -36.78 -7.80 16.60
C ARG B 338 -37.11 -6.61 17.52
N LYS B 339 -38.19 -6.74 18.30
CA LYS B 339 -38.61 -5.69 19.20
C LYS B 339 -37.55 -5.39 20.26
N ILE B 340 -36.70 -6.37 20.57
CA ILE B 340 -35.60 -6.14 21.50
C ILE B 340 -34.82 -4.88 21.09
N ARG B 341 -34.72 -4.63 19.79
CA ARG B 341 -33.89 -3.53 19.30
C ARG B 341 -34.47 -2.17 19.65
N GLN B 342 -35.74 -2.14 20.05
CA GLN B 342 -36.32 -0.87 20.50
C GLN B 342 -35.67 -0.40 21.80
N ALA B 343 -35.03 -1.32 22.53
CA ALA B 343 -34.35 -0.94 23.77
C ALA B 343 -32.94 -0.40 23.58
N PHE B 344 -32.39 -0.52 22.38
CA PHE B 344 -31.07 0.08 22.12
C PHE B 344 -31.27 1.50 21.58
N VAL B 345 -30.90 2.50 22.38
CA VAL B 345 -31.19 3.88 22.04
C VAL B 345 -29.91 4.72 21.97
N PRO B 346 -29.99 5.94 21.44
CA PRO B 346 -28.86 6.88 21.46
C PRO B 346 -28.46 7.31 22.87
N SER B 347 -27.18 7.61 23.07
CA SER B 347 -26.71 7.94 24.41
C SER B 347 -27.05 9.37 24.87
N GLU B 348 -27.59 10.21 23.99
CA GLU B 348 -28.03 11.55 24.40
C GLU B 348 -29.38 11.85 23.78
N SER B 349 -30.12 12.80 24.35
CA SER B 349 -31.40 13.17 23.73
C SER B 349 -31.14 13.85 22.39
N ASP B 350 -32.06 13.68 21.46
CA ASP B 350 -31.90 14.34 20.15
C ASP B 350 -30.66 13.87 19.37
N TRP B 351 -30.09 12.73 19.77
CA TRP B 351 -29.22 11.96 18.87
C TRP B 351 -30.04 10.82 18.27
N LEU B 352 -29.48 10.17 17.25
CA LEU B 352 -30.21 9.15 16.56
C LEU B 352 -29.23 8.03 16.27
N ILE B 353 -29.77 6.84 16.01
CA ILE B 353 -28.95 5.67 15.60
C ILE B 353 -28.91 5.63 14.06
N PHE B 354 -27.72 5.38 13.48
CA PHE B 354 -27.56 5.29 12.04
C PHE B 354 -26.93 3.92 11.75
N ALA B 355 -27.52 3.15 10.84
CA ALA B 355 -26.99 1.84 10.47
C ALA B 355 -26.76 1.74 8.95
N ALA B 356 -25.59 1.25 8.55
CA ALA B 356 -25.30 1.03 7.14
C ALA B 356 -24.73 -0.39 6.96
N ASP B 357 -25.30 -1.13 6.00
CA ASP B 357 -24.94 -2.54 5.72
CA ASP B 357 -24.90 -2.51 5.73
C ASP B 357 -24.52 -2.74 4.26
N TYR B 358 -23.51 -3.57 4.03
CA TYR B 358 -23.14 -3.97 2.67
C TYR B 358 -24.15 -4.96 2.05
N SER B 359 -24.62 -4.66 0.85
CA SER B 359 -25.54 -5.53 0.11
C SER B 359 -24.81 -6.75 -0.52
N GLN B 360 -25.29 -7.96 -0.24
CA GLN B 360 -24.72 -9.18 -0.84
C GLN B 360 -23.20 -9.23 -0.82
N ILE B 361 -22.62 -8.85 0.31
CA ILE B 361 -21.21 -8.53 0.34
C ILE B 361 -20.32 -9.71 -0.11
N GLU B 362 -20.56 -10.90 0.43
CA GLU B 362 -19.64 -12.01 0.12
C GLU B 362 -19.79 -12.55 -1.31
N LEU B 363 -21.00 -12.42 -1.87
CA LEU B 363 -21.18 -12.77 -3.28
C LEU B 363 -20.45 -11.80 -4.22
N ARG B 364 -20.49 -10.49 -3.91
CA ARG B 364 -19.70 -9.53 -4.69
C ARG B 364 -18.20 -9.82 -4.58
N VAL B 365 -17.76 -10.15 -3.37
CA VAL B 365 -16.35 -10.53 -3.17
C VAL B 365 -16.00 -11.78 -3.99
N LEU B 366 -16.88 -12.76 -3.97
CA LEU B 366 -16.66 -13.96 -4.79
C LEU B 366 -16.57 -13.63 -6.28
N ALA B 367 -17.47 -12.76 -6.74
CA ALA B 367 -17.44 -12.37 -8.16
C ALA B 367 -16.09 -11.79 -8.55
N HIS B 368 -15.55 -10.92 -7.71
CA HIS B 368 -14.24 -10.34 -7.91
C HIS B 368 -13.14 -11.39 -7.94
N ILE B 369 -13.13 -12.25 -6.94
CA ILE B 369 -12.04 -13.18 -6.77
C ILE B 369 -12.09 -14.28 -7.85
N ALA B 370 -13.27 -14.84 -8.09
CA ALA B 370 -13.44 -15.86 -9.12
C ALA B 370 -13.40 -15.30 -10.55
N GLU B 371 -13.68 -14.00 -10.70
CA GLU B 371 -13.74 -13.37 -12.01
C GLU B 371 -14.68 -14.13 -12.91
N ASP B 372 -15.84 -14.45 -12.37
CA ASP B 372 -16.83 -15.13 -13.13
C ASP B 372 -17.57 -14.06 -13.93
N ASP B 373 -17.58 -14.19 -15.25
CA ASP B 373 -18.21 -13.17 -16.09
C ASP B 373 -19.69 -12.94 -15.77
N ASN B 374 -20.45 -14.01 -15.57
CA ASN B 374 -21.88 -13.84 -15.37
C ASN B 374 -22.18 -13.23 -13.99
N LEU B 375 -21.43 -13.64 -12.97
CA LEU B 375 -21.68 -13.09 -11.63
C LEU B 375 -21.20 -11.63 -11.55
N MET B 376 -20.12 -11.29 -12.24
CA MET B 376 -19.66 -9.90 -12.24
C MET B 376 -20.69 -9.01 -12.94
N GLU B 377 -21.26 -9.55 -14.01
CA GLU B 377 -22.29 -8.84 -14.78
C GLU B 377 -23.50 -8.61 -13.90
N ALA B 378 -23.91 -9.63 -13.16
CA ALA B 378 -25.07 -9.49 -12.28
C ALA B 378 -24.86 -8.35 -11.28
N PHE B 379 -23.69 -8.26 -10.67
CA PHE B 379 -23.49 -7.18 -9.71
C PHE B 379 -23.24 -5.84 -10.37
N ARG B 380 -22.72 -5.83 -11.58
CA ARG B 380 -22.60 -4.57 -12.28
C ARG B 380 -23.98 -4.02 -12.65
N ARG B 381 -24.93 -4.93 -12.83
CA ARG B 381 -26.31 -4.58 -13.01
C ARG B 381 -27.02 -4.31 -11.69
N ASP B 382 -26.32 -4.39 -10.57
CA ASP B 382 -26.96 -4.31 -9.25
C ASP B 382 -28.19 -5.21 -9.12
N LEU B 383 -28.12 -6.42 -9.66
CA LEU B 383 -29.17 -7.41 -9.45
C LEU B 383 -29.18 -7.88 -7.99
N ASP B 384 -30.37 -8.13 -7.44
CA ASP B 384 -30.46 -8.78 -6.12
C ASP B 384 -30.47 -10.29 -6.34
N ILE B 385 -29.32 -10.90 -6.18
CA ILE B 385 -29.20 -12.32 -6.48
C ILE B 385 -29.96 -13.18 -5.46
N HIS B 386 -30.10 -12.72 -4.22
CA HIS B 386 -30.88 -13.52 -3.26
C HIS B 386 -32.36 -13.51 -3.67
N THR B 387 -32.86 -12.33 -4.06
CA THR B 387 -34.23 -12.24 -4.55
C THR B 387 -34.44 -13.06 -5.80
N LYS B 388 -33.53 -12.96 -6.75
CA LYS B 388 -33.62 -13.73 -7.96
C LYS B 388 -33.62 -15.26 -7.66
N THR B 389 -32.81 -15.69 -6.70
CA THR B 389 -32.80 -17.10 -6.30
C THR B 389 -34.12 -17.45 -5.59
N ALA B 390 -34.67 -16.52 -4.81
CA ALA B 390 -35.94 -16.80 -4.13
C ALA B 390 -37.07 -17.02 -5.15
N MET B 391 -37.02 -16.23 -6.24
CA MET B 391 -37.98 -16.37 -7.35
C MET B 391 -37.94 -17.78 -7.92
N ASP B 392 -36.71 -18.28 -8.14
CA ASP B 392 -36.50 -19.59 -8.73
C ASP B 392 -36.83 -20.74 -7.75
N ILE B 393 -36.50 -20.54 -6.48
CA ILE B 393 -36.80 -21.55 -5.46
C ILE B 393 -38.30 -21.66 -5.21
N PHE B 394 -38.96 -20.54 -4.93
CA PHE B 394 -40.36 -20.57 -4.57
C PHE B 394 -41.29 -20.35 -5.77
N GLN B 395 -40.71 -20.34 -6.96
CA GLN B 395 -41.49 -20.17 -8.18
C GLN B 395 -42.48 -19.02 -8.01
N VAL B 396 -41.99 -17.85 -7.63
CA VAL B 396 -42.86 -16.72 -7.41
C VAL B 396 -42.36 -15.49 -8.11
N SER B 397 -43.25 -14.51 -8.14
CA SER B 397 -42.99 -13.22 -8.71
C SER B 397 -42.01 -12.48 -7.81
N GLU B 398 -41.21 -11.59 -8.40
CA GLU B 398 -40.30 -10.79 -7.59
C GLU B 398 -41.07 -10.08 -6.49
N ASP B 399 -42.23 -9.56 -6.86
CA ASP B 399 -43.08 -8.81 -5.95
C ASP B 399 -43.60 -9.74 -4.85
N GLU B 400 -43.65 -11.03 -5.16
CA GLU B 400 -44.10 -12.03 -4.20
C GLU B 400 -43.00 -12.59 -3.28
N VAL B 401 -41.77 -12.08 -3.41
CA VAL B 401 -40.73 -12.54 -2.50
C VAL B 401 -40.77 -11.85 -1.13
N THR B 402 -41.02 -12.65 -0.08
CA THR B 402 -41.06 -12.12 1.29
C THR B 402 -39.67 -12.01 1.89
N PRO B 403 -39.48 -11.07 2.82
CA PRO B 403 -38.25 -11.00 3.62
C PRO B 403 -37.78 -12.39 4.03
N ASN B 404 -38.72 -13.23 4.44
CA ASN B 404 -38.40 -14.57 4.88
C ASN B 404 -37.89 -15.46 3.75
N MET B 405 -38.51 -15.35 2.57
CA MET B 405 -38.05 -16.10 1.42
C MET B 405 -36.64 -15.68 1.00
N ARG B 406 -36.34 -14.39 1.12
CA ARG B 406 -35.06 -13.88 0.66
C ARG B 406 -33.96 -14.42 1.58
N ARG B 407 -34.22 -14.39 2.89
CA ARG B 407 -33.30 -14.97 3.89
C ARG B 407 -33.01 -16.43 3.56
N GLN B 408 -34.06 -17.17 3.21
CA GLN B 408 -33.93 -18.57 2.85
C GLN B 408 -33.11 -18.73 1.58
N ALA B 409 -33.38 -17.89 0.58
CA ALA B 409 -32.59 -17.95 -0.66
C ALA B 409 -31.12 -17.59 -0.39
N LYS B 410 -30.91 -16.67 0.53
CA LYS B 410 -29.56 -16.24 0.90
C LYS B 410 -28.76 -17.44 1.41
N ALA B 411 -29.38 -18.26 2.24
CA ALA B 411 -28.69 -19.47 2.75
C ALA B 411 -28.38 -20.44 1.62
N VAL B 412 -29.29 -20.55 0.65
CA VAL B 412 -29.06 -21.38 -0.52
C VAL B 412 -27.91 -20.85 -1.37
N ASN B 413 -27.93 -19.55 -1.66
CA ASN B 413 -26.85 -18.96 -2.48
C ASN B 413 -25.50 -19.18 -1.82
N TYR B 414 -25.41 -18.88 -0.53
CA TYR B 414 -24.12 -18.99 0.15
C TYR B 414 -23.79 -20.46 0.35
N GLY B 415 -24.80 -21.24 0.71
CA GLY B 415 -24.62 -22.69 0.85
C GLY B 415 -23.96 -23.28 -0.38
N ILE B 416 -24.44 -22.94 -1.56
CA ILE B 416 -23.92 -23.60 -2.76
C ILE B 416 -22.48 -23.21 -3.04
N VAL B 417 -22.16 -21.93 -2.88
CA VAL B 417 -20.80 -21.52 -3.19
C VAL B 417 -19.82 -22.05 -2.16
N TYR B 418 -20.30 -22.36 -0.96
CA TYR B 418 -19.44 -22.87 0.12
C TYR B 418 -19.55 -24.39 0.29
N GLY B 419 -19.99 -25.07 -0.77
CA GLY B 419 -19.83 -26.52 -0.87
C GLY B 419 -20.95 -27.35 -0.30
N ILE B 420 -22.14 -26.79 -0.16
CA ILE B 420 -23.28 -27.60 0.26
C ILE B 420 -23.44 -28.81 -0.71
N SER B 421 -23.84 -29.96 -0.17
CA SER B 421 -24.13 -31.14 -1.03
C SER B 421 -25.60 -31.18 -1.44
N ASP B 422 -25.94 -32.04 -2.39
CA ASP B 422 -27.35 -32.20 -2.76
C ASP B 422 -28.21 -32.61 -1.55
N TYR B 423 -27.63 -33.43 -0.68
CA TYR B 423 -28.29 -33.87 0.54
C TYR B 423 -28.56 -32.72 1.50
N GLY B 424 -27.55 -31.88 1.70
CA GLY B 424 -27.71 -30.73 2.59
C GLY B 424 -28.72 -29.75 2.03
N LEU B 425 -28.71 -29.55 0.72
CA LEU B 425 -29.62 -28.60 0.10
C LEU B 425 -31.04 -29.17 0.11
N ALA B 426 -31.15 -30.47 -0.16
CA ALA B 426 -32.48 -31.12 -0.05
C ALA B 426 -33.05 -31.01 1.38
N GLN B 427 -32.21 -31.23 2.38
CA GLN B 427 -32.63 -31.06 3.79
C GLN B 427 -32.98 -29.63 4.21
N ASN B 428 -32.22 -28.65 3.73
CA ASN B 428 -32.42 -27.25 4.08
C ASN B 428 -33.79 -26.73 3.61
N LEU B 429 -34.13 -27.06 2.38
CA LEU B 429 -35.34 -26.55 1.77
C LEU B 429 -36.49 -27.55 1.88
N ASN B 430 -36.22 -28.71 2.45
CA ASN B 430 -37.21 -29.77 2.48
C ASN B 430 -37.71 -30.07 1.06
N ILE B 431 -36.81 -30.36 0.13
CA ILE B 431 -37.19 -30.68 -1.25
C ILE B 431 -36.49 -31.96 -1.69
N SER B 432 -36.85 -32.51 -2.84
CA SER B 432 -36.29 -33.79 -3.23
C SER B 432 -34.80 -33.65 -3.51
N ARG B 433 -34.07 -34.71 -3.21
CA ARG B 433 -32.63 -34.69 -3.36
C ARG B 433 -32.25 -34.62 -4.84
N LYS B 434 -33.07 -35.21 -5.69
CA LYS B 434 -32.78 -35.19 -7.12
C LYS B 434 -32.93 -33.78 -7.70
N GLU B 435 -33.95 -33.07 -7.22
CA GLU B 435 -34.16 -31.67 -7.58
C GLU B 435 -33.06 -30.76 -7.01
N ALA B 436 -32.64 -31.05 -5.78
CA ALA B 436 -31.50 -30.34 -5.18
C ALA B 436 -30.26 -30.47 -6.06
N ALA B 437 -29.95 -31.68 -6.51
CA ALA B 437 -28.77 -31.90 -7.35
C ALA B 437 -28.82 -31.13 -8.69
N GLU B 438 -30.00 -31.09 -9.30
CA GLU B 438 -30.14 -30.45 -10.59
C GLU B 438 -30.08 -28.95 -10.39
N PHE B 439 -30.52 -28.51 -9.23
CA PHE B 439 -30.45 -27.11 -8.87
C PHE B 439 -28.99 -26.66 -8.72
N ILE B 440 -28.19 -27.42 -7.99
CA ILE B 440 -26.76 -27.11 -7.89
C ILE B 440 -26.08 -27.16 -9.27
N GLU B 441 -26.42 -28.20 -10.03
CA GLU B 441 -25.89 -28.36 -11.37
C GLU B 441 -26.21 -27.16 -12.27
N ARG B 442 -27.44 -26.66 -12.19
CA ARG B 442 -27.84 -25.50 -12.99
C ARG B 442 -27.11 -24.23 -12.50
N TYR B 443 -26.88 -24.15 -11.20
CA TYR B 443 -26.18 -23.00 -10.64
C TYR B 443 -24.76 -22.92 -11.20
N PHE B 444 -24.06 -24.04 -11.21
CA PHE B 444 -22.71 -24.03 -11.75
C PHE B 444 -22.67 -23.91 -13.25
N GLU B 445 -23.79 -24.19 -13.91
CA GLU B 445 -23.84 -23.93 -15.37
C GLU B 445 -23.97 -22.43 -15.64
N SER B 446 -24.74 -21.73 -14.81
CA SER B 446 -24.85 -20.27 -14.88
C SER B 446 -23.57 -19.55 -14.48
N PHE B 447 -22.84 -20.11 -13.51
CA PHE B 447 -21.63 -19.44 -13.02
C PHE B 447 -20.42 -20.38 -13.06
N PRO B 448 -19.93 -20.72 -14.26
CA PRO B 448 -18.87 -21.71 -14.37
C PRO B 448 -17.53 -21.17 -13.87
N GLY B 449 -17.39 -19.85 -13.76
CA GLY B 449 -16.18 -19.28 -13.17
C GLY B 449 -16.10 -19.56 -11.70
N VAL B 450 -17.25 -19.58 -11.04
CA VAL B 450 -17.32 -19.93 -9.64
C VAL B 450 -16.94 -21.41 -9.46
N LYS B 451 -17.45 -22.29 -10.33
CA LYS B 451 -17.09 -23.70 -10.18
C LYS B 451 -15.59 -23.84 -10.33
N ARG B 452 -15.03 -23.19 -11.34
CA ARG B 452 -13.57 -23.32 -11.60
C ARG B 452 -12.76 -22.78 -10.44
N TYR B 453 -13.25 -21.69 -9.87
CA TYR B 453 -12.58 -21.08 -8.74
C TYR B 453 -12.55 -22.01 -7.53
N MET B 454 -13.66 -22.69 -7.26
CA MET B 454 -13.73 -23.57 -6.11
C MET B 454 -12.81 -24.80 -6.30
N GLU B 455 -12.70 -25.25 -7.55
CA GLU B 455 -11.73 -26.28 -7.90
C GLU B 455 -10.30 -25.77 -7.72
N ASN B 456 -10.01 -24.61 -8.29
CA ASN B 456 -8.67 -24.05 -8.19
C ASN B 456 -8.25 -23.69 -6.77
N ILE B 457 -9.16 -23.17 -5.95
CA ILE B 457 -8.74 -22.75 -4.59
C ILE B 457 -8.33 -23.97 -3.73
N VAL B 458 -9.01 -25.09 -3.91
CA VAL B 458 -8.65 -26.32 -3.21
C VAL B 458 -7.25 -26.80 -3.65
N GLN B 459 -6.96 -26.76 -4.95
CA GLN B 459 -5.62 -27.13 -5.44
C GLN B 459 -4.55 -26.16 -4.93
N GLU B 460 -4.88 -24.88 -4.86
CA GLU B 460 -3.95 -23.91 -4.32
C GLU B 460 -3.65 -24.14 -2.86
N ALA B 461 -4.68 -24.49 -2.09
CA ALA B 461 -4.53 -24.74 -0.66
C ALA B 461 -3.62 -25.95 -0.46
N LYS B 462 -3.81 -26.98 -1.26
CA LYS B 462 -2.96 -28.19 -1.24
C LYS B 462 -1.50 -27.88 -1.58
N GLN B 463 -1.27 -27.02 -2.57
CA GLN B 463 0.09 -26.65 -3.01
C GLN B 463 0.79 -25.71 -2.03
N LYS B 464 0.08 -24.70 -1.53
CA LYS B 464 0.71 -23.71 -0.66
C LYS B 464 0.64 -24.10 0.82
N GLY B 465 -0.39 -24.83 1.23
CA GLY B 465 -0.65 -25.16 2.65
C GLY B 465 -1.59 -24.19 3.38
N TYR B 466 -1.98 -23.15 2.68
CA TYR B 466 -2.85 -22.13 3.28
C TYR B 466 -3.65 -21.43 2.18
N VAL B 467 -4.68 -20.70 2.59
CA VAL B 467 -5.39 -19.78 1.69
C VAL B 467 -5.24 -18.36 2.25
N THR B 468 -5.51 -17.35 1.44
CA THR B 468 -5.21 -15.96 1.82
C THR B 468 -6.40 -15.08 1.42
N THR B 469 -6.48 -13.87 1.95
CA THR B 469 -7.58 -12.98 1.63
C THR B 469 -7.06 -11.81 0.81
N LEU B 470 -7.97 -10.92 0.44
CA LEU B 470 -7.59 -9.70 -0.29
C LEU B 470 -6.49 -8.89 0.38
N LEU B 471 -6.55 -8.69 1.71
CA LEU B 471 -5.48 -7.94 2.37
C LEU B 471 -4.39 -8.84 3.01
N HIS B 472 -4.32 -10.10 2.56
CA HIS B 472 -3.22 -11.04 2.87
C HIS B 472 -3.28 -11.71 4.24
N ARG B 473 -4.46 -11.78 4.81
CA ARG B 473 -4.68 -12.61 5.98
C ARG B 473 -4.47 -14.06 5.56
N ARG B 474 -3.99 -14.91 6.45
CA ARG B 474 -3.90 -16.33 6.05
C ARG B 474 -4.56 -17.32 6.97
N ARG B 475 -4.93 -18.47 6.41
CA ARG B 475 -5.44 -19.54 7.22
C ARG B 475 -4.77 -20.83 6.73
N TYR B 476 -4.01 -21.48 7.60
CA TYR B 476 -3.36 -22.74 7.22
C TYR B 476 -4.35 -23.88 7.24
N LEU B 477 -4.27 -24.76 6.26
CA LEU B 477 -5.20 -25.87 6.17
C LEU B 477 -4.42 -27.20 5.99
N PRO B 478 -3.67 -27.63 7.00
CA PRO B 478 -2.97 -28.94 6.88
C PRO B 478 -3.89 -30.13 6.60
N ASP B 479 -5.15 -30.04 7.04
CA ASP B 479 -6.10 -31.15 6.85
C ASP B 479 -6.49 -31.38 5.40
N ILE B 480 -6.11 -30.45 4.52
CA ILE B 480 -6.59 -30.54 3.16
C ILE B 480 -5.91 -31.69 2.38
N THR B 481 -4.80 -32.19 2.91
CA THR B 481 -4.13 -33.36 2.34
C THR B 481 -4.36 -34.62 3.18
N SER B 482 -5.37 -34.61 4.04
CA SER B 482 -5.65 -35.77 4.88
C SER B 482 -6.21 -36.92 4.07
N ARG B 483 -5.80 -38.15 4.41
CA ARG B 483 -6.28 -39.30 3.68
C ARG B 483 -7.72 -39.58 4.05
N ASN B 484 -8.11 -39.13 5.25
CA ASN B 484 -9.50 -39.28 5.70
C ASN B 484 -10.46 -38.38 4.94
N PHE B 485 -11.41 -39.00 4.25
CA PHE B 485 -12.37 -38.26 3.42
C PHE B 485 -13.06 -37.14 4.19
N ASN B 486 -13.52 -37.43 5.40
CA ASN B 486 -14.33 -36.50 6.15
C ASN B 486 -13.50 -35.30 6.57
N VAL B 487 -12.34 -35.57 7.13
CA VAL B 487 -11.43 -34.54 7.55
C VAL B 487 -11.01 -33.63 6.38
N ARG B 488 -10.68 -34.24 5.26
CA ARG B 488 -10.22 -33.52 4.09
C ARG B 488 -11.35 -32.65 3.51
N SER B 489 -12.57 -33.17 3.53
CA SER B 489 -13.69 -32.45 2.93
C SER B 489 -14.04 -31.19 3.73
N PHE B 490 -13.92 -31.28 5.05
CA PHE B 490 -14.10 -30.08 5.87
C PHE B 490 -13.04 -29.04 5.52
N ALA B 491 -11.79 -29.46 5.30
CA ALA B 491 -10.73 -28.54 4.92
C ALA B 491 -10.97 -27.92 3.53
N GLU B 492 -11.42 -28.74 2.60
CA GLU B 492 -11.80 -28.23 1.29
C GLU B 492 -12.84 -27.10 1.37
N ARG B 493 -13.87 -27.26 2.20
CA ARG B 493 -14.90 -26.24 2.30
C ARG B 493 -14.39 -24.98 3.01
N MET B 494 -13.43 -25.15 3.93
CA MET B 494 -12.70 -24.00 4.46
C MET B 494 -11.92 -23.25 3.39
N ALA B 495 -11.23 -23.96 2.51
CA ALA B 495 -10.53 -23.28 1.43
C ALA B 495 -11.52 -22.50 0.56
N MET B 496 -12.74 -23.02 0.38
CA MET B 496 -13.77 -22.33 -0.43
C MET B 496 -14.33 -21.09 0.27
N ASN B 497 -14.54 -21.17 1.57
CA ASN B 497 -15.18 -20.09 2.33
C ASN B 497 -14.22 -19.00 2.87
N THR B 498 -13.08 -19.42 3.40
CA THR B 498 -12.21 -18.45 4.11
C THR B 498 -11.75 -17.20 3.31
N PRO B 499 -11.27 -17.40 2.09
CA PRO B 499 -10.90 -16.25 1.31
C PRO B 499 -12.07 -15.29 1.07
N ILE B 500 -13.30 -15.80 1.04
CA ILE B 500 -14.42 -14.93 0.73
C ILE B 500 -14.88 -14.20 1.99
N GLN B 501 -15.23 -14.96 3.03
CA GLN B 501 -15.59 -14.37 4.32
C GLN B 501 -14.46 -13.48 4.87
N GLY B 502 -13.22 -13.94 4.73
CA GLY B 502 -12.05 -13.24 5.28
C GLY B 502 -11.84 -11.94 4.50
N SER B 503 -12.03 -11.97 3.18
CA SER B 503 -11.80 -10.74 2.41
C SER B 503 -12.90 -9.73 2.75
N ALA B 504 -14.12 -10.24 2.99
CA ALA B 504 -15.22 -9.34 3.40
C ALA B 504 -14.88 -8.72 4.75
N ALA B 505 -14.18 -9.48 5.60
CA ALA B 505 -13.83 -8.98 6.92
C ALA B 505 -12.76 -7.87 6.77
N ASP B 506 -11.81 -8.06 5.84
CA ASP B 506 -10.75 -7.05 5.54
C ASP B 506 -11.39 -5.75 5.10
N ILE B 507 -12.37 -5.87 4.22
CA ILE B 507 -13.03 -4.71 3.64
C ILE B 507 -13.77 -3.85 4.66
N ILE B 508 -14.61 -4.47 5.49
CA ILE B 508 -15.28 -3.69 6.52
C ILE B 508 -14.31 -3.10 7.55
N LYS B 509 -13.22 -3.81 7.85
CA LYS B 509 -12.25 -3.24 8.76
C LYS B 509 -11.61 -1.99 8.15
N LYS B 510 -11.29 -2.07 6.87
CA LYS B 510 -10.69 -0.91 6.24
C LYS B 510 -11.68 0.24 6.23
N ALA B 511 -12.95 -0.07 5.95
CA ALA B 511 -14.02 0.91 5.98
C ALA B 511 -14.11 1.62 7.32
N MET B 512 -13.93 0.89 8.41
CA MET B 512 -14.00 1.49 9.73
C MET B 512 -12.89 2.49 9.94
N ILE B 513 -11.69 2.13 9.50
CA ILE B 513 -10.55 3.02 9.64
C ILE B 513 -10.75 4.29 8.79
N ASP B 514 -11.18 4.12 7.53
CA ASP B 514 -11.41 5.24 6.64
C ASP B 514 -12.51 6.16 7.18
N LEU B 515 -13.56 5.55 7.73
CA LEU B 515 -14.69 6.30 8.27
C LEU B 515 -14.28 7.15 9.48
N ASN B 516 -13.59 6.52 10.43
CA ASN B 516 -13.09 7.23 11.59
C ASN B 516 -12.25 8.47 11.20
N ALA B 517 -11.37 8.29 10.22
CA ALA B 517 -10.53 9.36 9.72
C ALA B 517 -11.36 10.51 9.15
N ARG B 518 -12.39 10.17 8.38
CA ARG B 518 -13.29 11.16 7.79
C ARG B 518 -14.11 11.89 8.86
N LEU B 519 -14.63 11.14 9.82
CA LEU B 519 -15.37 11.77 10.93
C LEU B 519 -14.52 12.80 11.69
N LYS B 520 -13.28 12.45 11.98
CA LYS B 520 -12.33 13.40 12.59
C LYS B 520 -12.09 14.61 11.70
N GLU B 521 -11.81 14.36 10.43
CA GLU B 521 -11.53 15.49 9.54
C GLU B 521 -12.74 16.45 9.44
N GLU B 522 -13.96 15.93 9.39
CA GLU B 522 -15.11 16.82 9.32
C GLU B 522 -15.56 17.29 10.71
N ARG B 523 -14.80 16.95 11.76
CA ARG B 523 -15.16 17.37 13.12
C ARG B 523 -16.59 17.03 13.53
N LEU B 524 -17.07 15.83 13.16
CA LEU B 524 -18.43 15.46 13.55
C LEU B 524 -18.42 14.84 14.94
N GLN B 525 -19.52 14.94 15.66
CA GLN B 525 -19.61 14.28 16.97
C GLN B 525 -19.99 12.80 16.81
N ALA B 526 -20.52 12.45 15.63
CA ALA B 526 -20.95 11.08 15.32
C ALA B 526 -19.83 10.10 15.63
N HIS B 527 -20.16 8.95 16.21
CA HIS B 527 -19.14 7.92 16.35
C HIS B 527 -19.69 6.50 16.21
N LEU B 528 -18.81 5.56 15.92
CA LEU B 528 -19.16 4.15 15.83
C LEU B 528 -19.56 3.60 17.19
N LEU B 529 -20.59 2.76 17.18
CA LEU B 529 -20.99 1.99 18.33
C LEU B 529 -20.66 0.50 18.13
N LEU B 530 -21.01 -0.04 16.96
CA LEU B 530 -20.93 -1.48 16.77
C LEU B 530 -20.55 -1.80 15.35
N GLN B 531 -19.89 -2.93 15.16
CA GLN B 531 -19.75 -3.55 13.85
C GLN B 531 -20.45 -4.93 13.96
N VAL B 532 -21.25 -5.28 12.95
CA VAL B 532 -21.90 -6.60 12.90
C VAL B 532 -21.56 -7.33 11.58
N HIS B 533 -20.26 -7.59 11.40
CA HIS B 533 -19.70 -8.39 10.31
C HIS B 533 -19.74 -7.69 8.94
N ASP B 534 -20.92 -7.24 8.49
CA ASP B 534 -20.94 -6.44 7.28
C ASP B 534 -21.76 -5.16 7.45
N GLU B 535 -21.88 -4.72 8.69
CA GLU B 535 -22.71 -3.58 9.00
C GLU B 535 -22.03 -2.76 10.08
N LEU B 536 -22.24 -1.44 10.03
CA LEU B 536 -21.67 -0.49 11.00
C LEU B 536 -22.79 0.31 11.62
N ILE B 537 -22.78 0.43 12.95
CA ILE B 537 -23.85 1.14 13.65
C ILE B 537 -23.22 2.34 14.33
N LEU B 538 -23.81 3.52 14.13
CA LEU B 538 -23.31 4.74 14.70
C LEU B 538 -24.42 5.45 15.47
N GLU B 539 -24.03 6.43 16.29
CA GLU B 539 -25.01 7.39 16.82
C GLU B 539 -24.46 8.78 16.57
N ALA B 540 -25.36 9.74 16.42
CA ALA B 540 -24.90 11.08 16.13
C ALA B 540 -26.02 12.06 16.45
N PRO B 541 -25.66 13.35 16.63
CA PRO B 541 -26.69 14.37 16.79
C PRO B 541 -27.63 14.35 15.60
N LYS B 542 -28.92 14.63 15.83
CA LYS B 542 -29.83 14.59 14.70
C LYS B 542 -29.40 15.55 13.59
N GLU B 543 -28.71 16.62 13.95
CA GLU B 543 -28.27 17.63 12.97
C GLU B 543 -27.13 17.14 12.09
N GLU B 544 -26.53 16.02 12.45
CA GLU B 544 -25.48 15.46 11.62
C GLU B 544 -25.97 14.40 10.67
N MET B 545 -27.23 14.01 10.79
CA MET B 545 -27.73 12.89 9.98
C MET B 545 -27.56 13.08 8.48
N GLU B 546 -27.89 14.28 7.99
CA GLU B 546 -27.82 14.49 6.54
C GLU B 546 -26.41 14.32 5.98
N ARG B 547 -25.43 14.83 6.71
CA ARG B 547 -24.06 14.64 6.32
C ARG B 547 -23.67 13.16 6.40
N LEU B 548 -24.10 12.48 7.46
CA LEU B 548 -23.78 11.04 7.58
C LEU B 548 -24.37 10.23 6.43
N CYS B 549 -25.57 10.62 5.99
CA CYS B 549 -26.24 9.91 4.91
C CYS B 549 -25.40 9.89 3.64
N ARG B 550 -24.64 10.96 3.43
CA ARG B 550 -23.77 11.03 2.27
C ARG B 550 -22.41 10.43 2.54
N LEU B 551 -21.92 10.64 3.76
CA LEU B 551 -20.56 10.28 4.13
C LEU B 551 -20.38 8.76 4.31
N VAL B 552 -21.24 8.14 5.10
CA VAL B 552 -21.00 6.74 5.48
C VAL B 552 -21.05 5.79 4.29
N PRO B 553 -22.10 5.88 3.46
CA PRO B 553 -22.11 4.95 2.34
C PRO B 553 -20.92 5.14 1.37
N GLU B 554 -20.55 6.39 1.11
CA GLU B 554 -19.42 6.67 0.24
C GLU B 554 -18.12 6.03 0.76
N VAL B 555 -17.85 6.22 2.05
CA VAL B 555 -16.63 5.65 2.63
C VAL B 555 -16.66 4.11 2.54
N MET B 556 -17.78 3.51 2.89
CA MET B 556 -17.86 2.05 2.86
C MET B 556 -17.74 1.53 1.43
N GLU B 557 -18.39 2.22 0.50
CA GLU B 557 -18.35 1.79 -0.91
C GLU B 557 -16.96 1.92 -1.53
N GLN B 558 -16.17 2.85 -1.02
CA GLN B 558 -14.89 3.16 -1.62
C GLN B 558 -13.73 2.52 -0.89
N ALA B 559 -14.04 1.70 0.13
CA ALA B 559 -12.99 1.17 1.00
C ALA B 559 -11.94 0.38 0.23
N VAL B 560 -12.37 -0.38 -0.79
CA VAL B 560 -11.45 -1.09 -1.66
C VAL B 560 -12.02 -0.92 -3.05
N THR B 561 -11.23 -1.20 -4.08
CA THR B 561 -11.78 -1.16 -5.43
C THR B 561 -11.77 -2.56 -5.97
N LEU B 562 -12.95 -3.11 -6.26
CA LEU B 562 -13.04 -4.47 -6.79
C LEU B 562 -13.48 -4.41 -8.26
N ARG B 563 -13.59 -5.56 -8.90
CA ARG B 563 -14.05 -5.64 -10.30
C ARG B 563 -15.57 -5.49 -10.40
N VAL B 564 -16.25 -5.45 -9.25
CA VAL B 564 -17.67 -5.07 -9.21
C VAL B 564 -17.82 -3.95 -8.18
N PRO B 565 -18.94 -3.19 -8.25
CA PRO B 565 -19.09 -2.17 -7.24
C PRO B 565 -19.50 -2.77 -5.92
N LEU B 566 -19.24 -2.05 -4.85
CA LEU B 566 -19.85 -2.38 -3.58
C LEU B 566 -21.07 -1.47 -3.42
N LYS B 567 -22.05 -1.95 -2.67
CA LYS B 567 -23.33 -1.30 -2.51
C LYS B 567 -23.65 -1.31 -1.03
N VAL B 568 -24.03 -0.14 -0.50
CA VAL B 568 -24.41 -0.02 0.89
C VAL B 568 -25.86 0.45 1.05
N ASP B 569 -26.61 -0.20 1.94
CA ASP B 569 -27.99 0.19 2.30
C ASP B 569 -27.91 0.85 3.69
N TYR B 570 -28.61 1.97 3.89
CA TYR B 570 -28.50 2.65 5.18
C TYR B 570 -29.82 3.24 5.65
N HIS B 571 -29.93 3.41 6.95
CA HIS B 571 -31.16 3.87 7.58
C HIS B 571 -30.82 4.51 8.90
N TYR B 572 -31.72 5.33 9.41
CA TYR B 572 -31.53 5.89 10.75
C TYR B 572 -32.87 6.10 11.41
N GLY B 573 -32.86 6.22 12.74
CA GLY B 573 -34.09 6.31 13.53
C GLY B 573 -33.77 6.59 15.00
N SER B 574 -34.80 6.70 15.86
CA SER B 574 -34.54 7.00 17.29
C SER B 574 -34.14 5.79 18.14
N THR B 575 -34.25 4.60 17.57
CA THR B 575 -33.70 3.39 18.22
C THR B 575 -33.08 2.49 17.15
N TRP B 576 -32.27 1.53 17.57
CA TRP B 576 -31.77 0.57 16.63
C TRP B 576 -32.93 -0.10 15.89
N TYR B 577 -34.05 -0.37 16.56
CA TYR B 577 -35.17 -0.98 15.86
C TYR B 577 -35.59 -0.14 14.65
N ASP B 578 -35.57 1.18 14.83
CA ASP B 578 -36.11 2.09 13.81
C ASP B 578 -35.12 2.39 12.70
N ALA B 579 -33.87 2.01 12.90
CA ALA B 579 -32.86 2.19 11.88
C ALA B 579 -33.01 1.08 10.83
N LYS B 580 -34.21 1.00 10.24
CA LYS B 580 -34.58 0.00 9.20
C LYS B 580 -35.37 0.66 8.05
C1 GLC G . 11.67 21.46 -8.83
C2 GLC G . 10.66 22.00 -9.83
C3 GLC G . 10.86 21.28 -11.16
C4 GLC G . 12.28 21.50 -11.65
C5 GLC G . 13.25 20.99 -10.56
C6 GLC G . 14.72 21.16 -10.95
O2 GLC G . 9.36 21.77 -9.32
O3 GLC G . 9.94 21.68 -12.14
O4 GLC G . 12.50 20.83 -12.88
O5 GLC G . 12.98 21.64 -9.33
O6 GLC G . 15.04 22.54 -11.07
C1 FRU G . 10.32 20.10 -6.48
C2 FRU G . 11.52 19.61 -7.30
C3 FRU G . 11.61 18.09 -7.29
C4 FRU G . 13.10 17.84 -7.52
C5 FRU G . 13.73 19.01 -6.79
C6 FRU G . 15.00 19.47 -7.51
O1 FRU G . 10.80 20.65 -5.28
O2 FRU G . 11.37 20.08 -8.63
O3 FRU G . 10.80 17.53 -8.29
O4 FRU G . 13.58 16.60 -7.05
O5 FRU G . 12.76 20.05 -6.73
O6 FRU G . 15.80 20.15 -6.59
C1 GLC H . -9.52 -12.85 27.01
C2 GLC H . -10.15 -14.10 27.63
C3 GLC H . -11.43 -14.42 26.86
C4 GLC H . -12.38 -13.23 26.94
C5 GLC H . -11.67 -11.95 26.46
C6 GLC H . -12.48 -10.68 26.72
O2 GLC H . -9.29 -15.22 27.59
O3 GLC H . -12.09 -15.55 27.39
O4 GLC H . -13.52 -13.58 26.16
O5 GLC H . -10.43 -11.77 27.13
O6 GLC H . -13.08 -10.75 27.99
C1 FRU H . -6.78 -13.18 26.00
C2 FRU H . -7.94 -12.50 25.27
C3 FRU H . -7.82 -12.63 23.75
C4 FRU H . -8.62 -11.42 23.28
C5 FRU H . -8.21 -10.39 24.31
C6 FRU H . -9.31 -9.42 24.73
O1 FRU H . -5.55 -12.74 25.47
O2 FRU H . -9.19 -13.04 25.65
O3 FRU H . -8.44 -13.84 23.36
O4 FRU H . -8.33 -11.08 21.94
O5 FRU H . -7.90 -11.10 25.50
O6 FRU H . -8.74 -8.70 25.81
S SO4 I . 25.94 32.54 22.47
O1 SO4 I . 26.81 31.40 22.78
O2 SO4 I . 25.00 32.77 23.56
O3 SO4 I . 26.71 33.75 22.21
O4 SO4 I . 25.21 32.24 21.25
S SO4 J . -15.28 1.30 -18.58
O1 SO4 J . -14.59 0.37 -17.69
O2 SO4 J . -15.58 2.52 -17.85
O3 SO4 J . -14.39 1.56 -19.71
O4 SO4 J . -16.52 0.69 -19.10
ZN ZN K . 24.30 0.03 -22.78
ZN ZN L . 24.29 3.76 -23.09
PG DAD M . 24.39 -1.54 -25.69
O1G DAD M . 24.62 -0.96 -27.16
O2G DAD M . 25.06 -0.42 -24.47
O3G DAD M . 25.12 -3.15 -25.61
PB DAD M . 21.98 -1.71 -24.17
O1B DAD M . 21.09 -3.03 -24.12
O2B DAD M . 22.91 -1.33 -22.71
O3B DAD M . 22.82 -1.76 -25.52
PA DAD M . 21.33 1.07 -24.39
O1A DAD M . 21.11 1.81 -25.78
O2A DAD M . 22.93 1.40 -23.72
O3A DAD M . 20.96 -0.50 -24.49
O5' DAD M . 20.22 1.54 -23.32
C5' DAD M . 20.36 1.19 -21.93
C4' DAD M . 19.04 0.63 -21.42
O4' DAD M . 17.93 1.49 -21.69
C3' DAD M . 18.68 -0.68 -22.10
C2' DAD M . 17.16 -0.72 -21.97
C1' DAD M . 16.74 0.75 -21.97
N9 DAD M . 16.30 0.94 -23.37
C8 DAD M . 17.04 1.39 -24.40
N7 DAD M . 16.34 1.38 -25.56
C5 DAD M . 15.09 0.89 -25.26
C6 DAD M . 13.85 0.61 -25.98
N6 DAD M . 13.75 0.84 -27.31
N1 DAD M . 12.80 0.09 -25.28
C2 DAD M . 12.86 -0.17 -23.96
N3 DAD M . 13.96 0.07 -23.24
C4 DAD M . 15.08 0.58 -23.82
ZN ZN N . -25.23 -7.53 3.93
ZN ZN O . -25.72 -7.48 7.63
ZN ZN P . -33.12 -0.73 3.31
PG DAD Q . -27.97 -8.51 2.12
O1G DAD Q . -29.39 -8.88 2.69
O2G DAD Q . -27.03 -7.48 3.19
O3G DAD Q . -28.04 -7.96 0.44
PB DAD Q . -25.75 -10.29 2.37
O1B DAD Q . -25.22 -11.26 1.25
O2B DAD Q . -24.63 -8.94 2.55
O3B DAD Q . -27.28 -9.97 2.06
PA DAD Q . -25.85 -10.74 5.21
O1A DAD Q . -27.12 -11.40 5.84
O2A DAD Q . -25.81 -9.00 5.31
O3A DAD Q . -25.82 -11.27 3.68
O5' DAD Q . -24.50 -11.41 5.83
C5' DAD Q . -23.21 -10.91 5.45
C4' DAD Q . -22.32 -12.09 5.13
O4' DAD Q . -22.49 -13.13 6.08
C3' DAD Q . -22.75 -12.73 3.81
C2' DAD Q . -22.21 -14.16 4.01
C1' DAD Q . -22.22 -14.41 5.53
N9 DAD Q . -23.41 -15.26 5.73
C8 DAD Q . -24.61 -14.82 6.11
N7 DAD Q . -25.51 -15.84 6.09
C5 DAD Q . -24.85 -16.96 5.72
C6 DAD Q . -25.18 -18.39 5.50
N6 DAD Q . -26.42 -18.90 5.68
N1 DAD Q . -24.19 -19.23 5.11
C2 DAD Q . -22.93 -18.78 4.91
N3 DAD Q . -22.56 -17.51 5.07
C4 DAD Q . -23.46 -16.57 5.47
S SO4 R . 20.08 -9.19 33.03
O1 SO4 R . 19.00 -9.88 33.73
O2 SO4 R . 21.24 -9.27 33.89
O3 SO4 R . 20.38 -9.80 31.75
O4 SO4 R . 19.78 -7.79 32.75
#